data_8ZX5
#
_entry.id   8ZX5
#
loop_
_entity.id
_entity.type
_entity.pdbx_description
1 polymer 'engineered miniGalpha 13'
2 polymer 'Guanine nucleotide-binding protein G(I)/G(S)/G(T) subunit beta-1'
3 polymer 'Guanine nucleotide-binding protein G(I)/G(S)/G(O) subunit gamma-2'
4 polymer 'G-protein coupled receptor 55'
5 non-polymer 1-(2,4-dichlorophenyl)-5-(4-iodophenyl)-4-methyl-~{N}-piperidin-1-yl-pyrazole-3-carboxamide
#
loop_
_entity_poly.entity_id
_entity_poly.type
_entity_poly.pdbx_seq_one_letter_code
_entity_poly.pdbx_strand_id
1 'polypeptide(L)'
;MGSTVSAEDKAAAERSKEIDKCLSREKTYVKRLVKILLLGADNSGKSTFLKQMRIIHGGSGGSGGTKGIHEYDFEIKNVP
FKMVDVGGQRSERKRWFECFDSVTSILFLVDSSDFNRLTESLNDFETIVNNRVFSNVSIILFLNKTDLLEEKVQIVSIKD
YFLEFEGDPHCLRDVQKFLVECFRNKRRDQQQKPLYHHFTTAINTENARLIFRDVKDTILHDNLKQLMLQ
;
A
2 'polypeptide(L)'
;MGSLLQSELDQLRQEAEQLKNQIRDARKACADATLSQITNNIDPVGRIQMRTRRTLRGHLAKIYAMHWGTDSRLLVSASQ
DGKLIIWDSYTTNKVHAIPLRSSWVMTCAYAPSGNYVACGGLDNICSIYNLKTREGNVRVSRELAGHTGYLSCCRFLDDN
QIVTSSGDTTCALWDIETGQQTTTFTGHTGDVMSLSLAPDTRLFVSGACDASAKLWDVREGMCRQTFTGHESDINAICFF
PNGNAFATGSDDATCRLFDLRADQELMTYSHDNIICGITSVSFSKSGRLLLAGYDDFNCNVWDALKADRAGVLAGHDNRV
SCLGVTDDGMAVATGSWDSFLKIWN
;
B
3 'polypeptide(L)' MASNNTASIAQARKLVEQLKMEANIDRIKVSKAAADLMAYCEAHAKEDPLLTPVPASENPFREKKFFCAIL G
4 'polypeptide(L)'
;MSQQNTSGDCLFDGVNELMKTLQFAVHIPTFVLGLLLNLLAIHGFSTFLKNRWPDYAATSIYMINLAVFDLLLVLSLPFK
MVLSQVQSPFPSLCTLVECLYFVSMYGSVFTICFISMDRFLAIRYPLLVSHLRSPRKIFGICCTIWVLVWTGSIPIYSFH
GKVEKYMCFHNMSDDTWSAKVFFPLEVFGFLLPMGIMGFCCSRSIHILLGRRDHTQDWVQQKACIYSIAASLAVFVVSFL
PVHLGFFLQFLVRNSFIVECRAKQSISFFLQLSMCFSNVNCCLDVFVYYFVIKEFRMNIRAHRPSRVQLVLQDTTISRG
;
R
#
# COMPACT_ATOMS: atom_id res chain seq x y z
N GLU A 8 27.66 -28.61 6.98
CA GLU A 8 26.91 -28.52 8.23
C GLU A 8 25.53 -27.90 8.01
N ASP A 9 25.02 -27.21 9.04
CA ASP A 9 23.70 -26.62 8.94
C ASP A 9 23.63 -25.57 7.83
N LYS A 10 24.62 -24.68 7.79
CA LYS A 10 24.60 -23.58 6.84
C LYS A 10 24.58 -24.02 5.39
N ALA A 11 25.04 -25.24 5.09
CA ALA A 11 24.95 -25.75 3.72
C ALA A 11 23.50 -25.83 3.27
N ALA A 12 22.59 -26.18 4.18
CA ALA A 12 21.17 -26.20 3.84
C ALA A 12 20.68 -24.83 3.38
N ALA A 13 21.33 -23.75 3.81
CA ALA A 13 20.94 -22.42 3.36
C ALA A 13 21.07 -22.26 1.86
N GLU A 14 21.90 -23.09 1.21
CA GLU A 14 21.94 -23.10 -0.24
C GLU A 14 20.60 -23.49 -0.82
N ARG A 15 19.98 -24.55 -0.30
CA ARG A 15 18.62 -24.89 -0.69
C ARG A 15 17.70 -23.71 -0.50
N SER A 16 17.82 -23.01 0.64
CA SER A 16 17.04 -21.81 0.87
C SER A 16 17.21 -20.82 -0.28
N LYS A 17 18.45 -20.58 -0.68
CA LYS A 17 18.70 -19.68 -1.80
C LYS A 17 17.98 -20.18 -3.05
N GLU A 18 18.07 -21.50 -3.29
CA GLU A 18 17.35 -22.08 -4.42
C GLU A 18 15.86 -21.76 -4.35
N ILE A 19 15.27 -21.87 -3.15
CA ILE A 19 13.85 -21.57 -3.01
C ILE A 19 13.57 -20.13 -3.42
N ASP A 20 14.43 -19.20 -3.00
CA ASP A 20 14.21 -17.81 -3.37
C ASP A 20 14.31 -17.63 -4.87
N LYS A 21 15.17 -18.41 -5.54
CA LYS A 21 15.28 -18.34 -6.98
C LYS A 21 13.98 -18.70 -7.68
N CYS A 22 13.05 -19.35 -6.97
CA CYS A 22 11.69 -19.54 -7.46
C CYS A 22 10.78 -18.40 -7.02
N LEU A 23 10.87 -18.02 -5.75
CA LEU A 23 9.98 -16.99 -5.22
C LEU A 23 10.22 -15.65 -5.91
N SER A 24 11.48 -15.35 -6.21
CA SER A 24 11.79 -14.15 -6.98
C SER A 24 11.09 -14.10 -8.33
N ARG A 25 10.80 -15.26 -8.92
CA ARG A 25 9.99 -15.28 -10.13
C ARG A 25 8.59 -14.75 -9.85
N GLU A 26 7.96 -15.19 -8.77
CA GLU A 26 6.64 -14.68 -8.44
C GLU A 26 6.67 -13.19 -8.14
N LYS A 27 7.84 -12.61 -7.87
CA LYS A 27 7.90 -11.17 -7.69
C LYS A 27 7.52 -10.41 -8.95
N THR A 28 7.77 -10.99 -10.14
CA THR A 28 7.43 -10.28 -11.36
C THR A 28 6.02 -10.59 -11.85
N TYR A 29 5.23 -11.33 -11.06
CA TYR A 29 3.88 -11.71 -11.45
C TYR A 29 2.84 -11.20 -10.48
N VAL A 30 3.05 -11.38 -9.17
CA VAL A 30 2.07 -10.99 -8.17
C VAL A 30 2.03 -9.47 -8.08
N LYS A 31 2.96 -8.81 -8.75
CA LYS A 31 2.93 -7.36 -8.87
C LYS A 31 2.29 -6.89 -10.18
N ARG A 32 2.43 -7.67 -11.25
CA ARG A 32 1.80 -7.36 -12.52
C ARG A 32 0.41 -7.95 -12.64
N LEU A 33 -0.13 -8.51 -11.56
CA LEU A 33 -1.39 -9.25 -11.59
C LEU A 33 -2.52 -8.33 -11.16
N VAL A 34 -3.62 -8.39 -11.90
CA VAL A 34 -4.80 -7.58 -11.65
C VAL A 34 -5.87 -8.47 -11.06
N LYS A 35 -6.37 -8.11 -9.87
CA LYS A 35 -7.40 -8.87 -9.19
C LYS A 35 -8.75 -8.21 -9.40
N ILE A 36 -9.73 -9.02 -9.80
CA ILE A 36 -11.07 -8.54 -10.14
C ILE A 36 -12.08 -9.45 -9.46
N LEU A 37 -12.67 -8.99 -8.36
CA LEU A 37 -13.88 -9.64 -7.87
C LEU A 37 -14.93 -9.67 -8.94
N LEU A 38 -15.85 -10.61 -8.83
CA LEU A 38 -16.93 -10.74 -9.80
C LEU A 38 -18.14 -11.06 -8.94
N LEU A 39 -19.06 -10.11 -8.87
CA LEU A 39 -20.18 -10.24 -7.94
C LEU A 39 -21.49 -10.01 -8.66
N GLY A 40 -22.58 -10.25 -7.95
CA GLY A 40 -23.92 -10.09 -8.47
C GLY A 40 -24.88 -11.01 -7.73
N ALA A 41 -25.85 -11.54 -8.47
CA ALA A 41 -26.83 -12.46 -7.94
C ALA A 41 -27.00 -13.62 -8.91
N ASP A 42 -27.93 -14.52 -8.58
CA ASP A 42 -28.16 -15.69 -9.43
C ASP A 42 -28.68 -15.31 -10.81
N ASN A 43 -29.62 -14.36 -10.86
CA ASN A 43 -30.27 -13.97 -12.11
C ASN A 43 -29.43 -13.06 -12.99
N SER A 44 -28.28 -12.59 -12.49
CA SER A 44 -27.45 -11.66 -13.25
C SER A 44 -26.92 -12.26 -14.53
N GLY A 45 -26.69 -13.57 -14.57
CA GLY A 45 -26.16 -14.19 -15.77
C GLY A 45 -24.65 -14.26 -15.76
N LYS A 46 -24.06 -14.60 -14.60
CA LYS A 46 -22.61 -14.73 -14.51
C LYS A 46 -22.10 -15.78 -15.48
N SER A 47 -22.77 -16.93 -15.54
CA SER A 47 -22.28 -18.05 -16.33
C SER A 47 -22.17 -17.69 -17.81
N THR A 48 -23.21 -17.04 -18.35
CA THR A 48 -23.15 -16.63 -19.74
C THR A 48 -22.08 -15.58 -19.97
N PHE A 49 -21.85 -14.71 -18.98
CA PHE A 49 -20.77 -13.74 -19.07
C PHE A 49 -19.42 -14.43 -19.19
N LEU A 50 -19.11 -15.35 -18.28
CA LEU A 50 -17.81 -16.01 -18.31
C LEU A 50 -17.65 -16.85 -19.57
N LYS A 51 -18.71 -17.57 -19.97
CA LYS A 51 -18.63 -18.38 -21.17
C LYS A 51 -18.50 -17.52 -22.43
N GLN A 52 -18.82 -16.24 -22.35
CA GLN A 52 -18.78 -15.36 -23.52
C GLN A 52 -17.38 -14.94 -23.91
N MET A 53 -16.41 -15.02 -23.01
CA MET A 53 -15.04 -14.60 -23.29
C MET A 53 -14.07 -15.76 -23.43
N ARG A 54 -14.55 -17.00 -23.36
CA ARG A 54 -13.72 -18.19 -23.43
C ARG A 54 -12.64 -18.16 -22.34
N ILE A 55 -13.11 -18.17 -21.10
CA ILE A 55 -12.25 -18.12 -19.92
C ILE A 55 -12.15 -19.50 -19.33
N ILE A 56 -10.94 -20.07 -19.35
CA ILE A 56 -10.68 -21.43 -18.87
C ILE A 56 -11.57 -22.44 -19.57
N LYS A 67 -16.51 -27.28 -2.40
CA LYS A 67 -15.63 -26.11 -2.38
C LYS A 67 -16.44 -24.81 -2.30
N GLY A 68 -15.73 -23.69 -2.21
CA GLY A 68 -16.36 -22.39 -2.10
C GLY A 68 -16.10 -21.47 -3.28
N ILE A 69 -15.13 -20.57 -3.11
CA ILE A 69 -14.87 -19.52 -4.10
C ILE A 69 -14.19 -20.10 -5.33
N HIS A 70 -14.59 -19.60 -6.50
CA HIS A 70 -14.00 -19.95 -7.77
C HIS A 70 -12.96 -18.90 -8.19
N GLU A 71 -12.02 -19.32 -9.03
CA GLU A 71 -11.05 -18.41 -9.62
C GLU A 71 -10.92 -18.73 -11.10
N TYR A 72 -10.76 -17.70 -11.92
CA TYR A 72 -10.45 -17.85 -13.34
C TYR A 72 -9.22 -17.02 -13.66
N ASP A 73 -8.39 -17.52 -14.57
CA ASP A 73 -7.20 -16.82 -15.02
C ASP A 73 -7.27 -16.59 -16.52
N PHE A 74 -7.05 -15.35 -16.95
CA PHE A 74 -6.98 -15.05 -18.37
C PHE A 74 -6.01 -13.90 -18.58
N GLU A 75 -5.76 -13.56 -19.83
CA GLU A 75 -4.77 -12.55 -20.19
C GLU A 75 -5.33 -11.65 -21.28
N ILE A 76 -5.17 -10.35 -21.11
CA ILE A 76 -5.54 -9.37 -22.12
C ILE A 76 -4.33 -8.50 -22.43
N LYS A 77 -3.88 -8.52 -23.68
CA LYS A 77 -2.76 -7.70 -24.14
C LYS A 77 -1.54 -7.88 -23.24
N ASN A 78 -1.18 -9.13 -22.98
CA ASN A 78 -0.06 -9.54 -22.15
C ASN A 78 -0.19 -9.09 -20.70
N VAL A 79 -1.40 -8.79 -20.25
CA VAL A 79 -1.63 -8.47 -18.83
C VAL A 79 -2.39 -9.64 -18.21
N PRO A 80 -1.95 -10.14 -17.05
CA PRO A 80 -2.69 -11.24 -16.39
C PRO A 80 -3.83 -10.76 -15.51
N PHE A 81 -5.03 -11.20 -15.83
CA PHE A 81 -6.22 -10.91 -15.03
C PHE A 81 -6.66 -12.17 -14.31
N LYS A 82 -7.08 -11.99 -13.05
CA LYS A 82 -7.55 -13.09 -12.23
C LYS A 82 -8.93 -12.71 -11.69
N MET A 83 -9.96 -13.37 -12.21
CA MET A 83 -11.34 -13.09 -11.84
C MET A 83 -11.73 -14.01 -10.68
N VAL A 84 -11.92 -13.43 -9.50
CA VAL A 84 -12.20 -14.21 -8.29
C VAL A 84 -13.72 -14.26 -8.15
N ASP A 85 -14.33 -15.30 -8.71
CA ASP A 85 -15.79 -15.43 -8.70
C ASP A 85 -16.21 -15.97 -7.35
N VAL A 86 -16.73 -15.09 -6.50
CA VAL A 86 -17.35 -15.54 -5.26
C VAL A 86 -18.65 -16.23 -5.61
N GLY A 87 -18.66 -17.57 -5.57
CA GLY A 87 -19.80 -18.33 -6.01
C GLY A 87 -20.89 -18.50 -4.98
N GLY A 88 -21.55 -17.40 -4.61
CA GLY A 88 -22.62 -17.43 -3.64
C GLY A 88 -22.19 -17.25 -2.20
N GLN A 89 -20.88 -17.17 -1.94
CA GLN A 89 -20.39 -16.89 -0.59
C GLN A 89 -20.48 -15.42 -0.22
N ARG A 90 -20.92 -14.58 -1.15
CA ARG A 90 -20.91 -13.13 -0.95
C ARG A 90 -21.76 -12.71 0.24
N SER A 91 -22.71 -13.54 0.65
CA SER A 91 -23.69 -13.15 1.67
C SER A 91 -23.09 -13.00 3.07
N GLU A 92 -21.77 -13.10 3.22
CA GLU A 92 -21.15 -13.00 4.54
C GLU A 92 -20.92 -11.53 4.87
N ARG A 93 -21.14 -11.18 6.14
CA ARG A 93 -21.16 -9.77 6.55
C ARG A 93 -20.26 -9.49 7.74
N LYS A 94 -19.06 -10.05 7.78
CA LYS A 94 -18.06 -9.70 8.78
C LYS A 94 -16.71 -9.50 8.11
N ARG A 95 -15.83 -8.74 8.77
CA ARG A 95 -14.59 -8.28 8.15
C ARG A 95 -13.83 -9.49 7.62
N TRP A 96 -13.51 -10.46 8.48
CA TRP A 96 -12.45 -11.42 8.23
C TRP A 96 -12.59 -12.14 6.89
N PHE A 97 -13.82 -12.27 6.38
CA PHE A 97 -14.01 -12.93 5.09
C PHE A 97 -13.65 -12.05 3.90
N GLU A 98 -13.71 -10.73 4.06
CA GLU A 98 -13.29 -9.84 2.98
C GLU A 98 -11.78 -9.71 2.83
N CYS A 99 -11.08 -10.85 2.70
CA CYS A 99 -9.65 -10.82 2.47
C CYS A 99 -9.38 -10.46 1.01
N PHE A 100 -10.04 -9.40 0.55
CA PHE A 100 -10.01 -8.97 -0.83
C PHE A 100 -9.57 -7.53 -0.98
N ASP A 101 -9.07 -6.90 0.08
CA ASP A 101 -8.70 -5.49 0.01
C ASP A 101 -7.56 -5.25 -0.98
N SER A 102 -6.82 -6.29 -1.37
CA SER A 102 -5.80 -6.16 -2.39
C SER A 102 -6.35 -6.30 -3.80
N VAL A 103 -7.66 -6.47 -3.94
CA VAL A 103 -8.26 -6.68 -5.26
C VAL A 103 -8.34 -5.34 -5.98
N THR A 104 -7.92 -5.32 -7.25
CA THR A 104 -7.91 -4.09 -8.02
C THR A 104 -9.32 -3.53 -8.18
N SER A 105 -10.26 -4.36 -8.66
CA SER A 105 -11.58 -3.88 -9.00
C SER A 105 -12.65 -4.90 -8.65
N ILE A 106 -13.86 -4.39 -8.45
CA ILE A 106 -15.05 -5.21 -8.19
C ILE A 106 -15.94 -5.12 -9.40
N LEU A 107 -16.06 -6.18 -10.18
CA LEU A 107 -16.93 -6.18 -11.33
C LEU A 107 -18.28 -6.75 -10.97
N PHE A 108 -19.32 -5.93 -11.00
CA PHE A 108 -20.69 -6.35 -10.75
C PHE A 108 -21.38 -6.77 -12.04
N LEU A 109 -22.26 -7.75 -11.92
CA LEU A 109 -23.30 -7.98 -12.91
C LEU A 109 -24.65 -7.73 -12.27
N VAL A 110 -25.55 -7.10 -13.01
CA VAL A 110 -26.92 -6.92 -12.55
C VAL A 110 -27.88 -7.16 -13.72
N ASP A 111 -28.92 -7.93 -13.45
CA ASP A 111 -29.99 -8.14 -14.43
C ASP A 111 -30.80 -6.85 -14.52
N SER A 112 -30.53 -6.07 -15.57
CA SER A 112 -31.19 -4.78 -15.72
C SER A 112 -32.69 -4.94 -15.90
N SER A 113 -33.12 -6.01 -16.58
CA SER A 113 -34.52 -6.16 -16.96
C SER A 113 -35.42 -6.30 -15.74
N ASP A 114 -35.02 -7.13 -14.77
CA ASP A 114 -35.86 -7.45 -13.64
C ASP A 114 -35.91 -6.26 -12.69
N PHE A 115 -36.84 -5.33 -12.93
CA PHE A 115 -36.96 -4.16 -12.06
C PHE A 115 -37.30 -4.55 -10.64
N ASN A 116 -37.99 -5.68 -10.45
CA ASN A 116 -38.31 -6.13 -9.11
C ASN A 116 -37.05 -6.45 -8.32
N ARG A 117 -36.07 -7.07 -8.97
CA ARG A 117 -34.82 -7.44 -8.30
C ARG A 117 -33.83 -6.28 -8.26
N LEU A 118 -34.15 -5.15 -8.90
CA LEU A 118 -33.20 -4.05 -8.98
C LEU A 118 -33.01 -3.38 -7.63
N THR A 119 -34.06 -3.38 -6.79
CA THR A 119 -33.91 -2.86 -5.44
C THR A 119 -32.91 -3.68 -4.64
N GLU A 120 -33.00 -5.01 -4.75
CA GLU A 120 -32.07 -5.88 -4.04
C GLU A 120 -30.65 -5.73 -4.59
N SER A 121 -30.53 -5.60 -5.91
CA SER A 121 -29.22 -5.39 -6.52
C SER A 121 -28.60 -4.09 -6.02
N LEU A 122 -29.40 -3.02 -5.95
CA LEU A 122 -28.91 -1.75 -5.46
C LEU A 122 -28.53 -1.83 -3.99
N ASN A 123 -29.28 -2.62 -3.20
CA ASN A 123 -28.90 -2.83 -1.81
C ASN A 123 -27.58 -3.58 -1.69
N ASP A 124 -27.33 -4.55 -2.56
CA ASP A 124 -26.03 -5.22 -2.61
C ASP A 124 -24.93 -4.23 -2.93
N PHE A 125 -25.17 -3.39 -3.95
CA PHE A 125 -24.18 -2.37 -4.32
C PHE A 125 -23.88 -1.45 -3.14
N GLU A 126 -24.91 -0.98 -2.46
CA GLU A 126 -24.70 0.02 -1.41
C GLU A 126 -24.02 -0.59 -0.19
N THR A 127 -24.21 -1.89 0.06
CA THR A 127 -23.56 -2.52 1.20
C THR A 127 -22.23 -3.15 0.84
N ILE A 128 -21.86 -3.18 -0.43
CA ILE A 128 -20.55 -3.63 -0.87
C ILE A 128 -19.58 -2.47 -1.02
N VAL A 129 -20.03 -1.35 -1.60
CA VAL A 129 -19.13 -0.23 -1.83
C VAL A 129 -18.80 0.52 -0.54
N ASN A 130 -19.65 0.42 0.48
CA ASN A 130 -19.39 1.04 1.77
C ASN A 130 -18.53 0.18 2.69
N ASN A 131 -18.10 -1.00 2.24
CA ASN A 131 -17.03 -1.69 2.95
C ASN A 131 -15.80 -0.81 2.97
N ARG A 132 -15.38 -0.38 4.17
CA ARG A 132 -14.15 0.39 4.27
C ARG A 132 -12.96 -0.43 3.80
N VAL A 133 -13.11 -1.75 3.76
CA VAL A 133 -12.12 -2.63 3.14
C VAL A 133 -11.89 -2.25 1.70
N PHE A 134 -12.97 -1.94 0.97
CA PHE A 134 -12.91 -1.59 -0.44
C PHE A 134 -12.85 -0.09 -0.66
N SER A 135 -12.27 0.66 0.28
CA SER A 135 -12.20 2.11 0.13
C SER A 135 -11.23 2.49 -0.97
N ASN A 136 -10.32 1.58 -1.33
CA ASN A 136 -9.31 1.81 -2.35
C ASN A 136 -9.48 0.89 -3.54
N VAL A 137 -10.72 0.61 -3.92
CA VAL A 137 -11.03 -0.30 -5.01
C VAL A 137 -11.97 0.39 -5.98
N SER A 138 -11.71 0.25 -7.27
CA SER A 138 -12.61 0.75 -8.30
C SER A 138 -13.70 -0.28 -8.59
N ILE A 139 -14.81 0.21 -9.06
CA ILE A 139 -15.98 -0.61 -9.38
C ILE A 139 -16.19 -0.61 -10.88
N ILE A 140 -16.54 -1.76 -11.42
CA ILE A 140 -16.91 -1.89 -12.83
C ILE A 140 -18.29 -2.52 -12.82
N LEU A 141 -19.33 -1.70 -12.83
CA LEU A 141 -20.68 -2.22 -12.81
C LEU A 141 -21.10 -2.59 -14.22
N PHE A 142 -21.81 -3.70 -14.36
CA PHE A 142 -22.35 -4.12 -15.64
C PHE A 142 -23.85 -4.30 -15.51
N LEU A 143 -24.60 -3.73 -16.45
CA LEU A 143 -26.02 -3.96 -16.51
C LEU A 143 -26.24 -4.90 -17.70
N ASN A 144 -26.45 -6.17 -17.40
CA ASN A 144 -26.52 -7.24 -18.38
C ASN A 144 -27.91 -7.28 -19.00
N LYS A 145 -27.97 -7.89 -20.19
CA LYS A 145 -29.22 -8.14 -20.90
C LYS A 145 -29.99 -6.84 -21.14
N THR A 146 -29.38 -5.96 -21.94
CA THR A 146 -30.07 -4.75 -22.37
C THR A 146 -31.10 -4.99 -23.47
N ASP A 147 -30.97 -6.10 -24.21
CA ASP A 147 -32.01 -6.47 -25.16
C ASP A 147 -33.33 -6.76 -24.45
N LEU A 148 -33.27 -7.50 -23.35
CA LEU A 148 -34.44 -7.73 -22.50
C LEU A 148 -34.82 -6.48 -21.70
N LEU A 149 -34.10 -5.38 -21.88
CA LEU A 149 -34.52 -4.08 -21.39
C LEU A 149 -34.91 -3.14 -22.51
N GLU A 150 -34.21 -3.19 -23.65
CA GLU A 150 -34.61 -2.40 -24.80
C GLU A 150 -35.98 -2.82 -25.31
N GLU A 151 -36.32 -4.10 -25.18
CA GLU A 151 -37.60 -4.63 -25.62
C GLU A 151 -38.59 -4.81 -24.46
N LYS A 152 -38.33 -4.20 -23.31
CA LYS A 152 -39.22 -4.33 -22.16
C LYS A 152 -39.49 -2.98 -21.52
N VAL A 153 -38.67 -1.97 -21.85
CA VAL A 153 -38.90 -0.63 -21.30
C VAL A 153 -40.20 -0.06 -21.84
N GLN A 154 -40.53 -0.36 -23.10
CA GLN A 154 -41.80 0.10 -23.65
C GLN A 154 -42.98 -0.61 -23.02
N ILE A 155 -42.89 -1.93 -22.88
CA ILE A 155 -43.99 -2.72 -22.34
C ILE A 155 -44.18 -2.43 -20.85
N VAL A 156 -43.07 -2.42 -20.10
CA VAL A 156 -43.13 -2.21 -18.66
C VAL A 156 -42.52 -0.86 -18.33
N SER A 157 -43.27 -0.09 -17.54
CA SER A 157 -42.89 1.27 -17.19
C SER A 157 -41.85 1.24 -16.08
N ILE A 158 -40.69 1.88 -16.33
CA ILE A 158 -39.66 1.96 -15.30
C ILE A 158 -40.16 2.78 -14.12
N LYS A 159 -40.95 3.82 -14.38
CA LYS A 159 -41.50 4.63 -13.31
C LYS A 159 -42.52 3.86 -12.47
N ASP A 160 -43.06 2.76 -13.00
CA ASP A 160 -44.01 1.96 -12.22
C ASP A 160 -43.35 1.29 -11.03
N TYR A 161 -42.03 1.17 -11.02
CA TYR A 161 -41.29 0.59 -9.92
C TYR A 161 -40.53 1.61 -9.09
N PHE A 162 -40.02 2.67 -9.72
CA PHE A 162 -39.25 3.70 -9.03
C PHE A 162 -40.06 4.98 -9.03
N LEU A 163 -40.23 5.58 -7.85
CA LEU A 163 -41.04 6.77 -7.69
C LEU A 163 -40.28 8.06 -7.95
N GLU A 164 -38.98 8.00 -8.17
CA GLU A 164 -38.17 9.19 -8.40
C GLU A 164 -37.70 9.33 -9.84
N PHE A 165 -38.17 8.47 -10.75
CA PHE A 165 -37.77 8.58 -12.15
C PHE A 165 -38.34 9.85 -12.76
N GLU A 166 -37.51 10.59 -13.49
CA GLU A 166 -37.88 11.88 -14.04
C GLU A 166 -38.00 11.87 -15.56
N GLY A 167 -37.20 11.06 -16.26
CA GLY A 167 -37.22 11.04 -17.70
C GLY A 167 -38.46 10.40 -18.29
N ASP A 168 -38.36 9.96 -19.54
CA ASP A 168 -39.51 9.33 -20.21
C ASP A 168 -39.47 7.82 -20.02
N PRO A 169 -40.45 7.23 -19.34
CA PRO A 169 -40.43 5.78 -19.11
C PRO A 169 -40.52 4.96 -20.38
N HIS A 170 -40.95 5.55 -21.50
CA HIS A 170 -40.92 4.85 -22.78
C HIS A 170 -39.61 5.08 -23.54
N CYS A 171 -38.78 6.01 -23.09
CA CYS A 171 -37.48 6.25 -23.71
C CYS A 171 -36.45 5.35 -23.05
N LEU A 172 -35.69 4.62 -23.87
CA LEU A 172 -34.70 3.69 -23.32
C LEU A 172 -33.56 4.43 -22.62
N ARG A 173 -33.01 5.46 -23.27
CA ARG A 173 -31.82 6.11 -22.74
C ARG A 173 -32.11 6.85 -21.43
N ASP A 174 -33.33 7.36 -21.28
CA ASP A 174 -33.70 7.97 -20.01
C ASP A 174 -33.66 6.96 -18.87
N VAL A 175 -34.20 5.77 -19.10
CA VAL A 175 -34.15 4.73 -18.08
C VAL A 175 -32.72 4.28 -17.82
N GLN A 176 -31.92 4.16 -18.89
CA GLN A 176 -30.55 3.74 -18.74
C GLN A 176 -29.78 4.71 -17.85
N LYS A 177 -29.85 6.01 -18.16
CA LYS A 177 -29.20 7.01 -17.33
C LYS A 177 -29.77 7.00 -15.91
N PHE A 178 -31.07 6.73 -15.76
CA PHE A 178 -31.66 6.67 -14.43
C PHE A 178 -31.04 5.55 -13.62
N LEU A 179 -30.88 4.37 -14.21
CA LEU A 179 -30.28 3.25 -13.50
C LEU A 179 -28.83 3.52 -13.16
N VAL A 180 -28.07 4.07 -14.10
CA VAL A 180 -26.67 4.40 -13.82
C VAL A 180 -26.66 5.30 -12.60
N GLU A 181 -27.42 6.39 -12.64
CA GLU A 181 -27.38 7.33 -11.53
C GLU A 181 -27.86 6.71 -10.23
N CYS A 182 -28.79 5.74 -10.30
CA CYS A 182 -29.21 5.04 -9.09
C CYS A 182 -28.05 4.27 -8.48
N PHE A 183 -27.24 3.62 -9.33
CA PHE A 183 -26.12 2.84 -8.80
C PHE A 183 -25.00 3.76 -8.32
N ARG A 184 -24.72 4.83 -9.05
CA ARG A 184 -23.70 5.77 -8.60
C ARG A 184 -24.14 6.59 -7.39
N ASN A 185 -25.44 6.68 -7.12
CA ASN A 185 -25.93 7.41 -5.96
C ASN A 185 -25.80 6.62 -4.68
N LYS A 186 -25.35 5.38 -4.77
CA LYS A 186 -25.26 4.54 -3.58
C LYS A 186 -23.95 4.71 -2.82
N ARG A 187 -22.96 5.34 -3.41
CA ARG A 187 -21.64 5.44 -2.79
C ARG A 187 -21.54 6.61 -1.82
N ARG A 188 -21.28 6.32 -0.55
CA ARG A 188 -20.78 7.37 0.32
C ARG A 188 -19.32 7.64 -0.03
N ASP A 189 -18.90 8.89 0.16
CA ASP A 189 -17.53 9.31 -0.16
C ASP A 189 -17.22 9.05 -1.64
N GLN A 190 -17.93 9.79 -2.49
CA GLN A 190 -17.81 9.60 -3.94
C GLN A 190 -16.40 9.82 -4.44
N GLN A 191 -15.58 10.56 -3.70
CA GLN A 191 -14.27 10.99 -4.17
C GLN A 191 -13.15 9.97 -4.00
N GLN A 192 -13.46 8.71 -3.65
CA GLN A 192 -12.41 7.77 -3.34
C GLN A 192 -11.72 7.11 -4.54
N LYS A 193 -12.49 6.46 -5.40
CA LYS A 193 -11.95 5.81 -6.59
C LYS A 193 -13.03 5.83 -7.67
N PRO A 194 -12.66 5.64 -8.93
CA PRO A 194 -13.64 5.73 -10.01
C PRO A 194 -14.70 4.64 -9.93
N LEU A 195 -15.75 4.82 -10.74
CA LEU A 195 -16.83 3.85 -10.90
C LEU A 195 -17.16 3.82 -12.38
N TYR A 196 -16.67 2.82 -13.09
CA TYR A 196 -17.07 2.64 -14.47
C TYR A 196 -18.43 1.96 -14.50
N HIS A 197 -18.99 1.85 -15.70
CA HIS A 197 -20.22 1.10 -15.89
C HIS A 197 -20.37 0.81 -17.37
N HIS A 198 -21.38 0.02 -17.71
CA HIS A 198 -21.69 -0.21 -19.12
C HIS A 198 -23.01 -0.95 -19.21
N PHE A 199 -23.59 -0.92 -20.40
CA PHE A 199 -24.82 -1.64 -20.73
C PHE A 199 -24.51 -2.64 -21.82
N THR A 200 -24.08 -3.84 -21.42
CA THR A 200 -23.69 -4.88 -22.36
C THR A 200 -24.73 -5.99 -22.33
N THR A 201 -24.94 -6.59 -23.49
CA THR A 201 -25.93 -7.65 -23.63
C THR A 201 -25.35 -8.98 -23.16
N ALA A 202 -26.15 -10.04 -23.25
CA ALA A 202 -25.70 -11.37 -22.86
C ALA A 202 -24.67 -11.95 -23.81
N ILE A 203 -24.55 -11.41 -25.03
CA ILE A 203 -23.54 -11.91 -25.96
C ILE A 203 -22.14 -11.54 -25.47
N ASN A 204 -21.93 -10.27 -25.13
CA ASN A 204 -20.65 -9.76 -24.65
C ASN A 204 -19.51 -10.17 -25.58
N THR A 205 -19.58 -9.66 -26.82
CA THR A 205 -18.68 -10.13 -27.86
C THR A 205 -17.25 -9.63 -27.66
N GLU A 206 -17.09 -8.35 -27.32
CA GLU A 206 -15.75 -7.82 -27.02
C GLU A 206 -15.74 -7.17 -25.64
N ASN A 207 -16.28 -7.87 -24.64
CA ASN A 207 -16.36 -7.29 -23.30
C ASN A 207 -15.02 -7.26 -22.59
N ALA A 208 -14.10 -8.14 -22.97
CA ALA A 208 -12.77 -8.14 -22.36
C ALA A 208 -12.04 -6.84 -22.65
N ARG A 209 -12.25 -6.26 -23.83
CA ARG A 209 -11.66 -4.96 -24.13
C ARG A 209 -12.15 -3.90 -23.15
N LEU A 210 -13.45 -3.91 -22.84
CA LEU A 210 -14.00 -2.96 -21.90
C LEU A 210 -13.42 -3.15 -20.51
N ILE A 211 -13.30 -4.41 -20.07
CA ILE A 211 -12.69 -4.66 -18.77
C ILE A 211 -11.26 -4.14 -18.74
N PHE A 212 -10.51 -4.39 -19.82
CA PHE A 212 -9.12 -3.95 -19.89
C PHE A 212 -9.04 -2.43 -19.84
N ARG A 213 -9.92 -1.75 -20.58
CA ARG A 213 -9.90 -0.29 -20.60
C ARG A 213 -10.19 0.28 -19.22
N ASP A 214 -11.17 -0.27 -18.52
CA ASP A 214 -11.45 0.28 -17.19
C ASP A 214 -10.36 -0.07 -16.18
N VAL A 215 -9.73 -1.23 -16.30
CA VAL A 215 -8.59 -1.54 -15.42
C VAL A 215 -7.44 -0.58 -15.71
N LYS A 216 -7.17 -0.31 -16.99
CA LYS A 216 -6.10 0.61 -17.35
C LYS A 216 -6.37 2.00 -16.78
N ASP A 217 -7.62 2.45 -16.84
CA ASP A 217 -7.94 3.74 -16.25
C ASP A 217 -7.81 3.71 -14.73
N THR A 218 -8.12 2.58 -14.08
CA THR A 218 -7.91 2.50 -12.64
C THR A 218 -6.43 2.61 -12.30
N ILE A 219 -5.57 1.99 -13.11
CA ILE A 219 -4.13 2.11 -12.90
C ILE A 219 -3.66 3.53 -13.18
N LEU A 220 -4.26 4.21 -14.16
CA LEU A 220 -3.94 5.61 -14.41
C LEU A 220 -4.28 6.47 -13.20
N HIS A 221 -5.45 6.25 -12.61
CA HIS A 221 -5.80 6.97 -11.39
C HIS A 221 -4.81 6.67 -10.27
N ASP A 222 -4.38 5.41 -10.16
CA ASP A 222 -3.37 5.06 -9.18
C ASP A 222 -2.07 5.82 -9.42
N ASN A 223 -1.66 5.92 -10.68
CA ASN A 223 -0.46 6.69 -11.02
C ASN A 223 -0.59 8.13 -10.59
N LEU A 224 -1.69 8.79 -10.96
CA LEU A 224 -1.92 10.15 -10.51
C LEU A 224 -1.94 10.25 -8.99
N LYS A 225 -2.26 9.16 -8.30
CA LYS A 225 -2.15 9.18 -6.85
C LYS A 225 -0.69 9.09 -6.40
N GLN A 226 0.16 8.39 -7.17
CA GLN A 226 1.58 8.33 -6.88
C GLN A 226 2.35 9.55 -7.35
N LEU A 227 1.91 10.20 -8.42
CA LEU A 227 2.54 11.42 -8.90
C LEU A 227 2.18 12.64 -8.08
N MET A 228 1.13 12.55 -7.26
CA MET A 228 0.71 13.61 -6.37
C MET A 228 0.61 14.93 -7.13
N LEU A 229 -0.18 14.91 -8.20
CA LEU A 229 -0.43 16.08 -9.03
C LEU A 229 -1.40 17.05 -8.40
N GLN A 230 -2.02 16.70 -7.28
CA GLN A 230 -3.19 17.42 -6.79
C GLN A 230 -3.34 17.32 -5.28
N ILE B 42 1.10 -9.22 44.67
CA ILE B 42 2.11 -9.97 43.92
C ILE B 42 3.31 -9.08 43.63
N ASP B 43 4.34 -9.67 43.03
CA ASP B 43 5.53 -8.91 42.66
C ASP B 43 5.46 -8.54 41.18
N PRO B 44 5.25 -7.27 40.86
CA PRO B 44 5.17 -6.87 39.44
C PRO B 44 6.51 -7.05 38.74
N VAL B 45 6.43 -7.39 37.45
CA VAL B 45 7.62 -7.49 36.62
C VAL B 45 7.93 -6.18 35.89
N GLY B 46 7.08 -5.17 36.03
CA GLY B 46 7.34 -3.87 35.43
C GLY B 46 7.38 -3.91 33.93
N ARG B 47 8.57 -3.74 33.36
CA ARG B 47 8.78 -3.75 31.93
C ARG B 47 9.82 -4.80 31.58
N ILE B 48 9.69 -5.39 30.39
CA ILE B 48 10.63 -6.38 29.88
C ILE B 48 11.25 -5.84 28.61
N GLN B 49 12.58 -5.75 28.58
CA GLN B 49 13.28 -5.26 27.41
C GLN B 49 13.25 -6.33 26.33
N MET B 50 12.18 -6.35 25.54
CA MET B 50 11.89 -7.45 24.63
C MET B 50 12.40 -7.08 23.25
N ARG B 51 13.45 -7.75 22.79
CA ARG B 51 14.20 -7.34 21.60
C ARG B 51 14.06 -8.39 20.51
N THR B 52 14.05 -7.93 19.26
CA THR B 52 14.04 -8.88 18.15
C THR B 52 15.35 -9.64 18.11
N ARG B 53 15.36 -10.76 17.39
CA ARG B 53 16.55 -11.59 17.26
C ARG B 53 16.73 -12.04 15.82
N ARG B 54 15.72 -11.87 14.99
CA ARG B 54 15.77 -12.30 13.61
C ARG B 54 14.59 -11.70 12.83
N THR B 55 14.69 -11.75 11.52
CA THR B 55 13.63 -11.31 10.62
C THR B 55 13.64 -12.23 9.41
N LEU B 56 12.44 -12.64 8.96
CA LEU B 56 12.27 -13.69 7.97
C LEU B 56 11.55 -13.09 6.77
N ARG B 57 12.12 -13.27 5.57
CA ARG B 57 11.65 -12.61 4.36
C ARG B 57 11.39 -13.64 3.26
N GLY B 58 10.48 -13.29 2.35
CA GLY B 58 10.20 -14.15 1.21
C GLY B 58 8.73 -14.22 0.84
N HIS B 59 7.86 -14.02 1.82
CA HIS B 59 6.43 -14.02 1.54
C HIS B 59 6.04 -12.79 0.72
N LEU B 60 5.09 -12.98 -0.19
CA LEU B 60 4.73 -11.96 -1.16
C LEU B 60 3.44 -11.24 -0.80
N ALA B 61 2.86 -11.50 0.36
CA ALA B 61 1.62 -10.85 0.77
C ALA B 61 1.49 -10.99 2.28
N LYS B 62 0.31 -10.64 2.80
CA LYS B 62 0.10 -10.62 4.23
C LYS B 62 0.20 -12.01 4.84
N ILE B 63 0.88 -12.13 5.96
CA ILE B 63 0.92 -13.37 6.73
C ILE B 63 -0.40 -13.49 7.46
N TYR B 64 -1.05 -14.66 7.38
CA TYR B 64 -2.32 -14.76 8.10
C TYR B 64 -2.22 -15.53 9.40
N ALA B 65 -1.33 -16.50 9.52
CA ALA B 65 -1.14 -17.25 10.76
C ALA B 65 0.20 -17.96 10.70
N MET B 66 0.76 -18.23 11.88
CA MET B 66 1.97 -19.01 12.01
C MET B 66 1.74 -20.07 13.09
N HIS B 67 2.69 -21.00 13.20
CA HIS B 67 2.61 -21.98 14.27
C HIS B 67 4.01 -22.35 14.73
N TRP B 68 4.19 -22.43 16.04
CA TRP B 68 5.44 -22.86 16.64
C TRP B 68 5.43 -24.37 16.84
N GLY B 69 6.44 -25.04 16.33
CA GLY B 69 6.57 -26.46 16.56
C GLY B 69 6.85 -26.78 18.02
N THR B 70 6.85 -28.07 18.32
CA THR B 70 7.18 -28.51 19.67
C THR B 70 8.67 -28.51 19.94
N ASP B 71 9.51 -28.53 18.89
CA ASP B 71 10.94 -28.42 19.07
C ASP B 71 11.46 -27.00 18.99
N SER B 72 10.58 -26.03 18.74
CA SER B 72 10.85 -24.60 18.79
C SER B 72 11.74 -24.18 17.63
N ARG B 73 12.38 -25.14 16.97
CA ARG B 73 13.36 -24.80 15.95
C ARG B 73 12.69 -24.50 14.62
N LEU B 74 11.63 -25.23 14.28
CA LEU B 74 10.94 -25.11 13.00
C LEU B 74 9.63 -24.37 13.20
N LEU B 75 9.39 -23.37 12.36
CA LEU B 75 8.19 -22.54 12.40
C LEU B 75 7.45 -22.73 11.08
N VAL B 76 6.14 -22.56 11.08
CA VAL B 76 5.36 -22.64 9.84
C VAL B 76 4.44 -21.43 9.78
N SER B 77 4.40 -20.79 8.62
CA SER B 77 3.51 -19.67 8.44
C SER B 77 3.18 -19.57 6.97
N ALA B 78 1.98 -19.08 6.67
CA ALA B 78 1.58 -18.92 5.29
C ALA B 78 0.94 -17.56 5.10
N SER B 79 0.90 -17.15 3.84
CA SER B 79 0.43 -15.83 3.47
C SER B 79 -0.87 -15.94 2.71
N GLN B 80 -1.42 -14.80 2.35
CA GLN B 80 -2.59 -14.73 1.49
C GLN B 80 -2.24 -14.64 0.01
N ASP B 81 -1.02 -15.01 -0.36
CA ASP B 81 -0.66 -15.22 -1.75
C ASP B 81 -0.57 -16.69 -2.11
N GLY B 82 -1.08 -17.57 -1.25
CA GLY B 82 -1.11 -18.98 -1.54
C GLY B 82 0.20 -19.71 -1.32
N LYS B 83 1.02 -19.26 -0.38
CA LYS B 83 2.28 -19.92 -0.05
C LYS B 83 2.35 -20.23 1.43
N LEU B 84 2.56 -21.51 1.75
CA LEU B 84 3.05 -21.92 3.04
C LEU B 84 4.57 -21.93 3.00
N ILE B 85 5.20 -21.57 4.11
CA ILE B 85 6.63 -21.76 4.26
C ILE B 85 6.91 -22.28 5.66
N ILE B 86 7.73 -23.32 5.73
CA ILE B 86 8.34 -23.76 6.97
C ILE B 86 9.72 -23.15 7.04
N TRP B 87 9.92 -22.36 8.09
CA TRP B 87 11.12 -21.60 8.38
C TRP B 87 11.99 -22.34 9.39
N ASP B 88 13.30 -22.19 9.21
CA ASP B 88 14.26 -22.51 10.27
C ASP B 88 14.37 -21.28 11.16
N SER B 89 13.73 -21.33 12.32
CA SER B 89 13.55 -20.12 13.12
C SER B 89 14.87 -19.56 13.61
N TYR B 90 15.78 -20.43 14.07
CA TYR B 90 17.09 -19.98 14.52
C TYR B 90 17.88 -19.33 13.40
N THR B 91 18.11 -20.07 12.32
CA THR B 91 19.07 -19.66 11.30
C THR B 91 18.44 -18.84 10.17
N THR B 92 17.11 -18.69 10.15
CA THR B 92 16.40 -17.98 9.09
C THR B 92 16.62 -18.63 7.73
N ASN B 93 16.26 -19.92 7.63
CA ASN B 93 16.42 -20.69 6.40
C ASN B 93 15.07 -21.24 5.98
N LYS B 94 14.72 -21.05 4.71
CA LYS B 94 13.47 -21.59 4.18
C LYS B 94 13.60 -23.10 4.06
N VAL B 95 13.15 -23.81 5.09
CA VAL B 95 13.18 -25.27 5.05
C VAL B 95 12.26 -25.79 3.96
N HIS B 96 11.07 -25.20 3.81
CA HIS B 96 10.16 -25.61 2.75
C HIS B 96 9.27 -24.45 2.30
N ALA B 97 8.93 -24.44 1.02
CA ALA B 97 8.03 -23.44 0.43
C ALA B 97 6.96 -24.18 -0.37
N ILE B 98 5.81 -24.37 0.25
CA ILE B 98 4.73 -25.20 -0.29
C ILE B 98 3.77 -24.28 -1.05
N PRO B 99 3.51 -24.52 -2.33
CA PRO B 99 2.44 -23.79 -3.01
C PRO B 99 1.08 -24.28 -2.57
N LEU B 100 0.07 -23.45 -2.82
CA LEU B 100 -1.30 -23.77 -2.45
C LEU B 100 -2.21 -23.64 -3.66
N ARG B 101 -3.28 -24.45 -3.68
CA ARG B 101 -4.30 -24.29 -4.71
C ARG B 101 -5.21 -23.12 -4.41
N SER B 102 -5.50 -22.86 -3.15
CA SER B 102 -6.38 -21.77 -2.72
C SER B 102 -5.55 -20.65 -2.13
N SER B 103 -5.41 -19.56 -2.89
CA SER B 103 -4.65 -18.41 -2.43
C SER B 103 -5.39 -17.59 -1.38
N TRP B 104 -6.48 -18.11 -0.83
CA TRP B 104 -7.29 -17.41 0.16
C TRP B 104 -7.32 -18.30 1.39
N VAL B 105 -6.27 -18.18 2.21
CA VAL B 105 -5.95 -19.14 3.25
C VAL B 105 -5.81 -18.43 4.59
N MET B 106 -6.42 -18.97 5.62
CA MET B 106 -6.61 -18.26 6.88
C MET B 106 -6.15 -18.99 8.12
N THR B 107 -5.78 -20.24 8.02
CA THR B 107 -5.22 -20.95 9.17
C THR B 107 -4.12 -21.87 8.68
N CYS B 108 -3.17 -22.15 9.59
CA CYS B 108 -2.13 -23.13 9.34
C CYS B 108 -1.81 -23.84 10.65
N ALA B 109 -1.30 -25.06 10.52
CA ALA B 109 -1.00 -25.89 11.68
C ALA B 109 0.29 -26.64 11.44
N TYR B 110 0.97 -26.96 12.53
CA TYR B 110 2.18 -27.77 12.49
C TYR B 110 1.98 -28.87 13.52
N ALA B 111 2.13 -30.12 13.09
CA ALA B 111 1.78 -31.25 13.94
C ALA B 111 2.65 -31.26 15.20
N PRO B 112 2.13 -31.71 16.34
CA PRO B 112 2.97 -31.81 17.54
C PRO B 112 4.11 -32.79 17.39
N SER B 113 4.00 -33.73 16.46
CA SER B 113 5.09 -34.64 16.13
C SER B 113 5.96 -34.11 15.00
N GLY B 114 5.71 -32.88 14.55
CA GLY B 114 6.50 -32.30 13.49
C GLY B 114 6.42 -33.03 12.18
N ASN B 115 5.45 -33.93 12.03
CA ASN B 115 5.34 -34.75 10.83
C ASN B 115 4.54 -34.09 9.73
N TYR B 116 3.37 -33.54 10.06
CA TYR B 116 2.45 -33.00 9.07
C TYR B 116 2.29 -31.50 9.29
N VAL B 117 1.67 -30.86 8.31
CA VAL B 117 1.13 -29.51 8.50
C VAL B 117 -0.30 -29.49 7.97
N ALA B 118 -1.07 -28.51 8.44
CA ALA B 118 -2.43 -28.33 7.98
C ALA B 118 -2.58 -26.94 7.37
N CYS B 119 -3.51 -26.84 6.43
CA CYS B 119 -3.70 -25.59 5.69
C CYS B 119 -5.18 -25.45 5.37
N GLY B 120 -5.82 -24.42 5.92
CA GLY B 120 -7.22 -24.20 5.63
C GLY B 120 -7.48 -22.79 5.18
N GLY B 121 -8.52 -22.62 4.38
CA GLY B 121 -8.81 -21.31 3.84
C GLY B 121 -10.23 -21.15 3.32
N LEU B 122 -10.43 -20.24 2.36
CA LEU B 122 -11.77 -19.95 1.88
C LEU B 122 -12.38 -21.03 1.00
N ASP B 123 -11.60 -22.00 0.52
CA ASP B 123 -12.15 -23.08 -0.27
C ASP B 123 -12.66 -24.25 0.56
N ASN B 124 -12.70 -24.09 1.88
CA ASN B 124 -13.46 -24.98 2.76
C ASN B 124 -12.83 -26.36 2.92
N ILE B 125 -11.75 -26.65 2.22
CA ILE B 125 -11.09 -27.95 2.30
C ILE B 125 -9.79 -27.79 3.08
N CYS B 126 -9.63 -28.60 4.11
CA CYS B 126 -8.42 -28.60 4.94
C CYS B 126 -7.40 -29.52 4.29
N SER B 127 -6.30 -28.97 3.82
CA SER B 127 -5.25 -29.79 3.24
C SER B 127 -4.29 -30.23 4.34
N ILE B 128 -4.11 -31.53 4.46
CA ILE B 128 -3.08 -32.09 5.33
C ILE B 128 -1.89 -32.43 4.45
N TYR B 129 -0.75 -31.80 4.72
CA TYR B 129 0.46 -31.92 3.94
C TYR B 129 1.46 -32.80 4.68
N ASN B 130 1.94 -33.85 3.98
CA ASN B 130 3.02 -34.70 4.47
C ASN B 130 4.35 -34.03 4.17
N LEU B 131 5.13 -33.74 5.20
CA LEU B 131 6.41 -33.10 5.00
C LEU B 131 7.42 -34.06 4.37
N LYS B 132 7.11 -35.35 4.41
CA LYS B 132 8.06 -36.38 4.00
C LYS B 132 7.42 -37.41 3.07
N VAL B 138 7.26 -31.89 -0.37
CA VAL B 138 5.99 -31.90 0.37
C VAL B 138 4.82 -32.00 -0.59
N ARG B 139 4.04 -33.07 -0.46
CA ARG B 139 2.84 -33.28 -1.25
C ARG B 139 1.65 -33.40 -0.32
N VAL B 140 0.46 -33.22 -0.88
CA VAL B 140 -0.77 -33.27 -0.11
C VAL B 140 -0.99 -34.69 0.42
N SER B 141 -1.04 -34.84 1.74
CA SER B 141 -1.42 -36.13 2.30
C SER B 141 -2.90 -36.39 2.12
N ARG B 142 -3.73 -35.39 2.39
CA ARG B 142 -5.18 -35.54 2.30
C ARG B 142 -5.81 -34.19 2.02
N GLU B 143 -6.44 -34.05 0.85
CA GLU B 143 -7.24 -32.86 0.54
C GLU B 143 -8.55 -33.06 1.30
N LEU B 144 -8.45 -33.03 2.62
CA LEU B 144 -9.49 -33.58 3.49
C LEU B 144 -10.59 -32.53 3.61
N ALA B 145 -11.82 -32.92 3.26
CA ALA B 145 -12.94 -31.98 3.14
C ALA B 145 -14.10 -32.43 4.03
N GLY B 146 -15.15 -31.61 4.04
CA GLY B 146 -16.33 -31.89 4.85
C GLY B 146 -16.99 -30.67 5.47
N HIS B 147 -16.35 -29.52 5.36
CA HIS B 147 -16.89 -28.27 5.88
C HIS B 147 -17.55 -27.47 4.76
N THR B 148 -18.49 -26.61 5.15
CA THR B 148 -19.13 -25.68 4.22
C THR B 148 -18.52 -24.29 4.29
N GLY B 149 -18.38 -23.73 5.48
CA GLY B 149 -17.79 -22.42 5.62
C GLY B 149 -16.29 -22.43 5.42
N TYR B 150 -15.74 -21.23 5.28
CA TYR B 150 -14.30 -21.05 5.21
C TYR B 150 -13.66 -21.47 6.53
N LEU B 151 -12.44 -22.00 6.44
CA LEU B 151 -11.73 -22.48 7.62
C LEU B 151 -11.02 -21.35 8.33
N SER B 152 -10.97 -21.42 9.66
CA SER B 152 -10.37 -20.36 10.45
C SER B 152 -9.30 -20.83 11.43
N CYS B 153 -9.35 -22.08 11.91
CA CYS B 153 -8.34 -22.55 12.86
C CYS B 153 -8.37 -24.07 12.94
N CYS B 154 -7.23 -24.69 12.66
CA CYS B 154 -7.07 -26.13 12.77
C CYS B 154 -5.81 -26.54 13.53
N ARG B 155 -5.97 -27.41 14.52
CA ARG B 155 -4.90 -27.77 15.43
C ARG B 155 -4.90 -29.28 15.64
N PHE B 156 -3.83 -29.95 15.20
CA PHE B 156 -3.73 -31.41 15.34
C PHE B 156 -3.87 -31.83 16.79
N LEU B 157 -4.42 -33.03 17.02
CA LEU B 157 -4.35 -33.68 18.33
C LEU B 157 -3.24 -34.72 18.38
N ASP B 158 -3.05 -35.45 17.29
CA ASP B 158 -1.96 -36.38 17.14
C ASP B 158 -1.66 -36.48 15.64
N ASP B 159 -1.02 -37.56 15.24
CA ASP B 159 -0.69 -37.78 13.84
C ASP B 159 -1.92 -38.07 12.98
N ASN B 160 -3.10 -38.24 13.58
CA ASN B 160 -4.26 -38.75 12.87
C ASN B 160 -5.52 -37.90 13.04
N GLN B 161 -5.64 -37.12 14.11
CA GLN B 161 -6.86 -36.37 14.41
C GLN B 161 -6.60 -34.88 14.33
N ILE B 162 -7.56 -34.14 13.76
CA ILE B 162 -7.46 -32.69 13.59
C ILE B 162 -8.80 -32.04 13.94
N VAL B 163 -8.77 -30.98 14.74
CA VAL B 163 -9.96 -30.22 15.06
C VAL B 163 -9.97 -28.96 14.21
N THR B 164 -11.09 -28.72 13.52
CA THR B 164 -11.21 -27.60 12.59
C THR B 164 -12.35 -26.71 13.01
N SER B 165 -12.15 -25.39 12.88
CA SER B 165 -13.21 -24.41 13.00
C SER B 165 -13.44 -23.75 11.66
N SER B 166 -14.69 -23.41 11.36
CA SER B 166 -15.03 -22.89 10.04
C SER B 166 -16.05 -21.78 10.14
N GLY B 167 -16.49 -21.31 8.98
CA GLY B 167 -17.60 -20.38 8.86
C GLY B 167 -18.96 -21.01 8.92
N ASP B 168 -19.02 -22.34 9.04
CA ASP B 168 -20.28 -23.05 9.22
C ASP B 168 -20.80 -22.98 10.65
N THR B 169 -20.06 -22.33 11.55
CA THR B 169 -20.40 -22.17 12.96
C THR B 169 -20.35 -23.49 13.74
N THR B 170 -19.72 -24.52 13.19
CA THR B 170 -19.60 -25.82 13.86
C THR B 170 -18.15 -26.28 13.80
N CYS B 171 -17.62 -26.77 14.92
CA CYS B 171 -16.24 -27.25 14.97
C CYS B 171 -16.23 -28.77 14.76
N ALA B 172 -15.40 -29.23 13.84
CA ALA B 172 -15.44 -30.63 13.42
C ALA B 172 -14.12 -31.31 13.69
N LEU B 173 -14.17 -32.44 14.40
CA LEU B 173 -12.98 -33.25 14.65
C LEU B 173 -12.94 -34.36 13.61
N TRP B 174 -11.84 -34.40 12.86
CA TRP B 174 -11.66 -35.20 11.66
C TRP B 174 -10.56 -36.24 11.88
N ASP B 175 -10.73 -37.38 11.22
CA ASP B 175 -9.73 -38.44 11.16
C ASP B 175 -9.16 -38.47 9.75
N ILE B 176 -7.86 -38.19 9.63
CA ILE B 176 -7.23 -38.12 8.31
C ILE B 176 -7.24 -39.49 7.64
N GLU B 177 -7.03 -40.55 8.43
CA GLU B 177 -7.01 -41.89 7.88
C GLU B 177 -8.37 -42.30 7.31
N THR B 178 -9.44 -42.04 8.06
CA THR B 178 -10.78 -42.38 7.59
C THR B 178 -11.15 -41.55 6.37
N GLY B 179 -10.83 -40.26 6.39
CA GLY B 179 -11.19 -39.35 5.33
C GLY B 179 -12.41 -38.49 5.63
N GLN B 180 -13.11 -38.77 6.72
CA GLN B 180 -14.32 -38.06 7.08
C GLN B 180 -14.28 -37.68 8.56
N GLN B 181 -15.27 -36.89 8.96
CA GLN B 181 -15.36 -36.42 10.33
C GLN B 181 -15.60 -37.60 11.28
N THR B 182 -15.03 -37.48 12.48
CA THR B 182 -15.34 -38.42 13.56
C THR B 182 -16.17 -37.82 14.67
N THR B 183 -16.26 -36.50 14.77
CA THR B 183 -17.29 -35.90 15.61
C THR B 183 -17.49 -34.45 15.18
N THR B 184 -18.62 -33.89 15.59
CA THR B 184 -18.96 -32.52 15.25
C THR B 184 -19.61 -31.85 16.45
N PHE B 185 -19.12 -30.66 16.80
CA PHE B 185 -19.59 -29.88 17.93
C PHE B 185 -20.40 -28.77 17.29
N THR B 186 -21.62 -28.57 17.80
CA THR B 186 -22.49 -27.47 17.46
C THR B 186 -22.80 -26.68 18.73
N GLY B 187 -23.68 -25.69 18.60
CA GLY B 187 -24.10 -24.88 19.72
C GLY B 187 -23.75 -23.41 19.60
N HIS B 188 -23.00 -23.03 18.56
CA HIS B 188 -22.65 -21.64 18.36
C HIS B 188 -23.61 -20.98 17.37
N THR B 189 -23.58 -19.65 17.34
CA THR B 189 -24.38 -18.86 16.43
C THR B 189 -23.55 -18.20 15.33
N GLY B 190 -22.55 -17.42 15.72
CA GLY B 190 -21.65 -16.81 14.76
C GLY B 190 -20.59 -17.79 14.28
N ASP B 191 -19.79 -17.32 13.32
CA ASP B 191 -18.73 -18.16 12.77
C ASP B 191 -17.66 -18.40 13.82
N VAL B 192 -17.29 -19.67 14.01
CA VAL B 192 -16.20 -20.01 14.93
C VAL B 192 -14.89 -19.65 14.26
N MET B 193 -14.34 -18.49 14.60
CA MET B 193 -13.06 -18.07 14.04
C MET B 193 -11.87 -18.54 14.86
N SER B 194 -12.02 -18.71 16.17
CA SER B 194 -10.87 -19.04 17.01
C SER B 194 -11.03 -20.43 17.61
N LEU B 195 -9.90 -21.13 17.76
CA LEU B 195 -9.86 -22.47 18.33
C LEU B 195 -8.54 -22.66 19.05
N SER B 196 -8.60 -23.22 20.27
CA SER B 196 -7.38 -23.51 21.02
C SER B 196 -7.52 -24.82 21.78
N LEU B 197 -6.52 -25.67 21.64
CA LEU B 197 -6.49 -26.98 22.29
C LEU B 197 -6.02 -26.86 23.73
N ALA B 198 -6.47 -27.79 24.55
CA ALA B 198 -5.97 -27.91 25.91
C ALA B 198 -4.59 -28.57 25.90
N PRO B 199 -3.74 -28.25 26.87
CA PRO B 199 -2.43 -28.90 26.93
C PRO B 199 -2.52 -30.26 27.61
N ASP B 200 -3.60 -30.98 27.31
CA ASP B 200 -3.74 -32.38 27.66
C ASP B 200 -4.39 -33.19 26.55
N THR B 201 -4.70 -32.57 25.40
CA THR B 201 -5.34 -33.21 24.26
C THR B 201 -6.69 -33.83 24.65
N ARG B 202 -7.39 -33.23 25.61
CA ARG B 202 -8.67 -33.75 26.07
C ARG B 202 -9.84 -32.80 25.87
N LEU B 203 -9.64 -31.50 26.01
CA LEU B 203 -10.70 -30.51 25.82
C LEU B 203 -10.20 -29.44 24.86
N PHE B 204 -11.09 -28.53 24.49
CA PHE B 204 -10.70 -27.42 23.63
C PHE B 204 -11.69 -26.27 23.80
N VAL B 205 -11.27 -25.09 23.35
CA VAL B 205 -12.12 -23.90 23.37
C VAL B 205 -12.29 -23.38 21.96
N SER B 206 -13.46 -22.78 21.72
CA SER B 206 -13.78 -22.17 20.44
C SER B 206 -14.44 -20.82 20.68
N GLY B 207 -14.06 -19.85 19.84
CA GLY B 207 -14.65 -18.53 19.89
C GLY B 207 -15.41 -18.37 18.58
N ALA B 208 -16.53 -17.66 18.62
CA ALA B 208 -17.45 -17.72 17.49
C ALA B 208 -18.17 -16.42 17.11
N CYS B 209 -17.47 -15.30 17.22
CA CYS B 209 -18.00 -14.05 16.66
C CYS B 209 -19.21 -13.50 17.42
N ASP B 210 -19.67 -14.19 18.44
CA ASP B 210 -20.82 -13.77 19.21
C ASP B 210 -20.46 -13.36 20.63
N ALA B 211 -19.22 -12.92 20.85
CA ALA B 211 -18.75 -12.48 22.15
C ALA B 211 -18.91 -13.57 23.21
N SER B 212 -18.72 -14.82 22.78
CA SER B 212 -18.86 -15.95 23.69
C SER B 212 -17.96 -17.07 23.19
N ALA B 213 -17.53 -17.92 24.12
CA ALA B 213 -16.66 -19.02 23.83
C ALA B 213 -17.21 -20.30 24.43
N LYS B 214 -16.97 -21.41 23.75
CA LYS B 214 -17.45 -22.71 24.18
C LYS B 214 -16.26 -23.60 24.51
N LEU B 215 -16.22 -24.07 25.76
CA LEU B 215 -15.34 -25.16 26.18
C LEU B 215 -16.05 -26.47 25.90
N TRP B 216 -15.48 -27.26 24.99
CA TRP B 216 -16.07 -28.53 24.59
C TRP B 216 -15.09 -29.65 24.85
N ASP B 217 -15.64 -30.86 25.02
CA ASP B 217 -14.86 -32.05 25.31
C ASP B 217 -14.68 -32.86 24.02
N VAL B 218 -13.44 -33.19 23.71
CA VAL B 218 -13.15 -34.00 22.53
C VAL B 218 -13.77 -35.39 22.68
N ARG B 219 -13.61 -35.99 23.85
CA ARG B 219 -14.06 -37.37 24.04
C ARG B 219 -15.59 -37.45 24.02
N GLU B 220 -16.26 -36.54 24.72
CA GLU B 220 -17.71 -36.56 24.78
C GLU B 220 -18.38 -36.02 23.52
N GLY B 221 -17.63 -35.34 22.66
CA GLY B 221 -18.21 -34.82 21.43
C GLY B 221 -19.22 -33.71 21.63
N MET B 222 -19.29 -33.13 22.82
CA MET B 222 -20.27 -32.11 23.14
C MET B 222 -19.59 -30.94 23.85
N CYS B 223 -20.37 -29.87 24.05
CA CYS B 223 -19.87 -28.67 24.71
C CYS B 223 -20.04 -28.83 26.22
N ARG B 224 -19.02 -28.46 26.98
CA ARG B 224 -19.04 -28.61 28.43
C ARG B 224 -19.42 -27.31 29.15
N GLN B 225 -18.97 -26.16 28.65
CA GLN B 225 -19.26 -24.90 29.31
C GLN B 225 -19.24 -23.77 28.29
N THR B 226 -19.83 -22.64 28.68
CA THR B 226 -19.89 -21.45 27.83
C THR B 226 -19.49 -20.23 28.65
N PHE B 227 -18.87 -19.27 27.98
CA PHE B 227 -18.37 -18.06 28.63
C PHE B 227 -18.72 -16.84 27.78
N THR B 228 -19.05 -15.74 28.45
CA THR B 228 -19.36 -14.48 27.78
C THR B 228 -18.45 -13.40 28.34
N GLY B 229 -18.73 -12.14 27.98
CA GLY B 229 -18.04 -11.00 28.53
C GLY B 229 -17.52 -9.97 27.54
N HIS B 230 -17.70 -10.17 26.24
CA HIS B 230 -17.15 -9.29 25.22
C HIS B 230 -18.27 -8.52 24.53
N GLU B 231 -17.91 -7.82 23.45
CA GLU B 231 -18.85 -7.07 22.65
C GLU B 231 -18.80 -7.39 21.17
N SER B 232 -17.75 -8.06 20.68
CA SER B 232 -17.54 -8.25 19.25
C SER B 232 -17.05 -9.66 19.00
N ASP B 233 -16.49 -9.87 17.81
CA ASP B 233 -16.03 -11.19 17.41
C ASP B 233 -14.89 -11.67 18.31
N ILE B 234 -14.82 -12.99 18.50
CA ILE B 234 -13.66 -13.59 19.16
C ILE B 234 -12.60 -13.84 18.09
N ASN B 235 -11.62 -12.93 18.00
CA ASN B 235 -10.64 -13.04 16.92
C ASN B 235 -9.64 -14.15 17.18
N ALA B 236 -9.23 -14.34 18.44
CA ALA B 236 -8.33 -15.43 18.78
C ALA B 236 -8.49 -15.76 20.25
N ILE B 237 -8.16 -17.00 20.59
CA ILE B 237 -8.29 -17.54 21.93
C ILE B 237 -7.15 -18.52 22.17
N CYS B 238 -6.70 -18.61 23.43
CA CYS B 238 -5.68 -19.59 23.80
C CYS B 238 -5.85 -19.98 25.26
N PHE B 239 -5.49 -21.23 25.56
CA PHE B 239 -5.44 -21.72 26.92
C PHE B 239 -4.24 -21.20 27.70
N PHE B 240 -4.42 -21.08 29.01
CA PHE B 240 -3.30 -20.97 29.93
C PHE B 240 -2.50 -22.28 29.88
N PRO B 241 -1.17 -22.21 29.78
CA PRO B 241 -0.40 -23.44 29.48
C PRO B 241 -0.56 -24.55 30.50
N ASN B 242 -1.05 -24.24 31.75
CA ASN B 242 -1.32 -25.33 32.68
C ASN B 242 -2.54 -26.13 32.27
N GLY B 243 -3.57 -25.47 31.75
CA GLY B 243 -4.76 -26.11 31.25
C GLY B 243 -6.04 -25.86 32.02
N ASN B 244 -6.03 -24.99 33.02
CA ASN B 244 -7.24 -24.69 33.79
C ASN B 244 -7.73 -23.26 33.59
N ALA B 245 -7.23 -22.56 32.58
CA ALA B 245 -7.65 -21.19 32.31
C ALA B 245 -7.34 -20.88 30.85
N PHE B 246 -7.94 -19.79 30.37
CA PHE B 246 -7.71 -19.37 28.99
C PHE B 246 -7.92 -17.87 28.86
N ALA B 247 -7.40 -17.32 27.77
CA ALA B 247 -7.47 -15.90 27.50
C ALA B 247 -8.06 -15.67 26.11
N THR B 248 -8.84 -14.60 25.99
CA THR B 248 -9.60 -14.28 24.81
C THR B 248 -9.28 -12.88 24.31
N GLY B 249 -9.30 -12.72 23.00
CA GLY B 249 -9.12 -11.42 22.38
C GLY B 249 -10.25 -11.15 21.40
N SER B 250 -10.76 -9.93 21.45
CA SER B 250 -11.93 -9.57 20.67
C SER B 250 -11.69 -8.22 20.00
N ASP B 251 -12.39 -7.99 18.88
CA ASP B 251 -12.27 -6.71 18.18
C ASP B 251 -12.76 -5.53 18.99
N ASP B 252 -13.30 -5.74 20.19
CA ASP B 252 -13.69 -4.62 21.04
C ASP B 252 -12.50 -4.04 21.81
N ALA B 253 -11.27 -4.32 21.37
CA ALA B 253 -10.06 -3.79 21.98
C ALA B 253 -9.99 -4.13 23.46
N THR B 254 -10.40 -5.34 23.81
CA THR B 254 -10.38 -5.79 25.19
C THR B 254 -9.96 -7.26 25.22
N CYS B 255 -8.98 -7.56 26.07
CA CYS B 255 -8.60 -8.93 26.33
C CYS B 255 -9.28 -9.40 27.61
N ARG B 256 -9.46 -10.71 27.74
CA ARG B 256 -10.10 -11.27 28.91
C ARG B 256 -9.41 -12.56 29.31
N LEU B 257 -9.53 -12.92 30.59
CA LEU B 257 -8.98 -14.16 31.09
C LEU B 257 -10.01 -14.82 31.99
N PHE B 258 -10.42 -16.04 31.60
CA PHE B 258 -11.39 -16.85 32.31
C PHE B 258 -10.74 -18.17 32.75
N ASP B 259 -11.45 -18.95 33.54
CA ASP B 259 -11.01 -20.27 33.94
C ASP B 259 -12.15 -21.26 33.86
N LEU B 260 -11.79 -22.54 33.68
CA LEU B 260 -12.80 -23.59 33.69
C LEU B 260 -13.07 -24.11 35.10
N ARG B 261 -12.27 -23.68 36.08
CA ARG B 261 -12.47 -24.12 37.45
C ARG B 261 -13.59 -23.36 38.13
N ALA B 262 -13.44 -22.03 38.24
CA ALA B 262 -14.50 -21.21 38.80
C ALA B 262 -15.65 -20.98 37.82
N ASP B 263 -15.41 -21.19 36.53
CA ASP B 263 -16.42 -21.04 35.48
C ASP B 263 -17.04 -19.64 35.52
N GLN B 264 -16.18 -18.64 35.54
CA GLN B 264 -16.60 -17.24 35.55
C GLN B 264 -15.45 -16.42 34.98
N GLU B 265 -15.77 -15.18 34.59
CA GLU B 265 -14.76 -14.28 34.04
C GLU B 265 -13.82 -13.84 35.15
N LEU B 266 -12.60 -14.38 35.17
CA LEU B 266 -11.66 -14.05 36.23
C LEU B 266 -11.31 -12.56 36.20
N MET B 267 -10.87 -12.06 35.05
CA MET B 267 -10.49 -10.64 34.99
C MET B 267 -10.34 -10.23 33.52
N THR B 268 -10.07 -8.94 33.32
CA THR B 268 -10.05 -8.35 31.97
C THR B 268 -8.85 -7.43 31.84
N TYR B 269 -8.54 -7.09 30.59
CA TYR B 269 -7.39 -6.29 30.22
C TYR B 269 -7.87 -5.23 29.22
N SER B 270 -7.66 -3.96 29.54
CA SER B 270 -8.12 -2.89 28.67
C SER B 270 -7.50 -1.56 29.10
N HIS B 271 -7.13 -0.75 28.11
CA HIS B 271 -6.69 0.62 28.34
C HIS B 271 -7.45 1.54 27.39
N ASP B 272 -7.67 2.77 27.85
CA ASP B 272 -8.46 3.72 27.08
C ASP B 272 -7.78 4.15 25.78
N ASN B 273 -6.46 4.11 25.73
CA ASN B 273 -5.72 4.56 24.56
C ASN B 273 -5.56 3.47 23.50
N ILE B 274 -6.09 2.28 23.73
CA ILE B 274 -6.04 1.19 22.77
C ILE B 274 -7.44 1.05 22.19
N ILE B 275 -7.52 0.97 20.85
CA ILE B 275 -8.80 0.90 20.17
C ILE B 275 -8.86 -0.20 19.12
N CYS B 276 -7.73 -0.75 18.69
CA CYS B 276 -7.73 -1.74 17.63
C CYS B 276 -8.11 -3.11 18.20
N GLY B 277 -8.43 -4.03 17.29
CA GLY B 277 -8.86 -5.36 17.67
C GLY B 277 -7.69 -6.30 17.91
N ILE B 278 -7.83 -7.14 18.94
CA ILE B 278 -6.83 -8.13 19.26
C ILE B 278 -6.84 -9.20 18.18
N THR B 279 -5.82 -9.24 17.32
CA THR B 279 -5.78 -10.24 16.27
C THR B 279 -5.44 -11.62 16.81
N SER B 280 -4.43 -11.72 17.66
CA SER B 280 -3.96 -13.00 18.14
C SER B 280 -3.46 -12.87 19.57
N VAL B 281 -3.45 -13.99 20.30
CA VAL B 281 -2.90 -14.04 21.64
C VAL B 281 -2.00 -15.27 21.76
N SER B 282 -1.24 -15.31 22.84
CA SER B 282 -0.39 -16.44 23.19
C SER B 282 -0.08 -16.34 24.69
N PHE B 283 0.87 -17.14 25.16
CA PHE B 283 1.18 -17.18 26.58
C PHE B 283 2.65 -17.53 26.81
N SER B 284 3.13 -17.18 27.99
CA SER B 284 4.42 -17.61 28.49
C SER B 284 4.22 -18.65 29.59
N LYS B 285 5.20 -19.55 29.74
CA LYS B 285 5.02 -20.70 30.63
C LYS B 285 4.80 -20.27 32.07
N SER B 286 5.52 -19.24 32.53
CA SER B 286 5.34 -18.81 33.90
C SER B 286 3.88 -18.46 34.14
N GLY B 287 3.30 -17.67 33.24
CA GLY B 287 1.94 -17.19 33.41
C GLY B 287 1.82 -15.81 33.98
N ARG B 288 2.94 -15.13 34.24
CA ARG B 288 2.91 -13.73 34.62
C ARG B 288 2.70 -12.82 33.42
N LEU B 289 2.70 -13.37 32.21
CA LEU B 289 2.58 -12.60 30.99
C LEU B 289 1.56 -13.23 30.06
N LEU B 290 0.97 -12.40 29.21
CA LEU B 290 0.31 -12.88 28.01
C LEU B 290 0.62 -11.88 26.91
N LEU B 291 0.26 -12.24 25.69
CA LEU B 291 0.59 -11.42 24.54
C LEU B 291 -0.69 -11.06 23.80
N ALA B 292 -0.58 -10.06 22.93
CA ALA B 292 -1.72 -9.70 22.08
C ALA B 292 -1.21 -8.94 20.87
N GLY B 293 -1.29 -9.57 19.70
CA GLY B 293 -1.11 -8.84 18.47
C GLY B 293 -2.28 -7.87 18.29
N TYR B 294 -2.02 -6.78 17.57
CA TYR B 294 -3.02 -5.73 17.42
C TYR B 294 -3.13 -5.31 15.96
N ASP B 295 -4.21 -4.59 15.66
CA ASP B 295 -4.36 -3.92 14.38
C ASP B 295 -3.58 -2.61 14.35
N ASP B 296 -3.24 -2.07 15.52
CA ASP B 296 -2.54 -0.80 15.62
C ASP B 296 -1.04 -0.98 15.48
N PHE B 297 -0.61 -1.87 14.59
CA PHE B 297 0.72 -1.98 14.00
C PHE B 297 1.72 -2.64 14.95
N ASN B 298 1.35 -2.94 16.19
CA ASN B 298 2.29 -3.35 17.23
C ASN B 298 1.75 -4.54 18.00
N CYS B 299 2.65 -5.27 18.65
CA CYS B 299 2.24 -6.40 19.50
C CYS B 299 2.40 -5.98 20.96
N ASN B 300 1.30 -5.85 21.67
CA ASN B 300 1.36 -5.44 23.07
C ASN B 300 1.42 -6.67 23.97
N VAL B 301 2.44 -6.69 24.83
CA VAL B 301 2.68 -7.80 25.76
C VAL B 301 2.29 -7.32 27.14
N TRP B 302 1.31 -7.98 27.75
CA TRP B 302 0.75 -7.47 28.99
C TRP B 302 1.00 -8.45 30.14
N ASP B 303 0.90 -7.92 31.35
CA ASP B 303 1.04 -8.72 32.56
C ASP B 303 -0.23 -9.54 32.75
N ALA B 304 -0.07 -10.85 32.89
CA ALA B 304 -1.24 -11.72 32.98
C ALA B 304 -1.91 -11.69 34.35
N LEU B 305 -1.25 -11.11 35.36
CA LEU B 305 -1.81 -11.07 36.71
C LEU B 305 -1.97 -9.64 37.22
N LYS B 306 -0.93 -8.82 37.09
CA LYS B 306 -0.98 -7.46 37.63
C LYS B 306 -1.90 -6.54 36.84
N ALA B 307 -2.39 -6.98 35.68
CA ALA B 307 -3.39 -6.24 34.91
C ALA B 307 -2.85 -4.88 34.44
N ASP B 308 -1.65 -4.88 33.89
CA ASP B 308 -1.07 -3.68 33.30
C ASP B 308 -0.16 -4.07 32.16
N ARG B 309 0.00 -3.15 31.21
CA ARG B 309 0.90 -3.38 30.10
C ARG B 309 2.35 -3.45 30.60
N ALA B 310 3.10 -4.38 30.03
CA ALA B 310 4.49 -4.58 30.43
C ALA B 310 5.48 -4.43 29.28
N GLY B 311 5.01 -4.41 28.05
CA GLY B 311 5.91 -4.18 26.93
C GLY B 311 5.13 -3.98 25.66
N VAL B 312 5.82 -3.40 24.68
CA VAL B 312 5.27 -3.21 23.34
C VAL B 312 6.36 -3.58 22.35
N LEU B 313 5.99 -4.36 21.33
CA LEU B 313 6.92 -4.79 20.30
C LEU B 313 6.44 -3.94 19.13
N ALA B 314 7.33 -3.12 18.60
CA ALA B 314 7.17 -2.47 17.31
C ALA B 314 8.12 -3.12 16.33
N GLY B 315 8.16 -2.58 15.12
CA GLY B 315 8.97 -3.17 14.07
C GLY B 315 8.14 -3.80 12.97
N HIS B 316 6.83 -3.55 12.99
CA HIS B 316 5.91 -4.04 11.98
C HIS B 316 5.39 -2.85 11.17
N ASP B 317 5.31 -3.03 9.86
CA ASP B 317 4.85 -1.96 8.99
C ASP B 317 3.35 -2.00 8.73
N ASN B 318 2.65 -3.04 9.19
CA ASN B 318 1.23 -3.20 8.91
C ASN B 318 0.56 -3.84 10.12
N ARG B 319 -0.69 -4.27 9.91
CA ARG B 319 -1.46 -4.92 10.96
C ARG B 319 -0.80 -6.23 11.38
N VAL B 320 -0.79 -6.49 12.67
CA VAL B 320 -0.19 -7.72 13.21
C VAL B 320 -1.24 -8.83 13.13
N SER B 321 -0.90 -9.91 12.41
CA SER B 321 -1.87 -10.97 12.19
C SER B 321 -1.52 -12.28 12.87
N CYS B 322 -0.25 -12.53 13.18
CA CYS B 322 0.21 -13.82 13.65
C CYS B 322 1.07 -13.60 14.88
N LEU B 323 0.98 -14.50 15.85
CA LEU B 323 1.80 -14.36 17.05
C LEU B 323 1.84 -15.69 17.79
N GLY B 324 3.04 -16.20 18.06
CA GLY B 324 3.18 -17.45 18.77
C GLY B 324 4.37 -17.42 19.72
N VAL B 325 4.32 -18.30 20.70
CA VAL B 325 5.40 -18.50 21.67
C VAL B 325 5.88 -19.94 21.53
N THR B 326 7.20 -20.14 21.54
CA THR B 326 7.73 -21.49 21.40
C THR B 326 7.30 -22.37 22.56
N ASP B 327 7.28 -23.68 22.32
CA ASP B 327 6.83 -24.64 23.32
C ASP B 327 7.77 -24.74 24.51
N ASP B 328 8.98 -24.20 24.42
CA ASP B 328 9.89 -24.10 25.54
C ASP B 328 9.96 -22.70 26.12
N GLY B 329 9.21 -21.76 25.55
CA GLY B 329 9.15 -20.40 26.05
C GLY B 329 10.27 -19.50 25.62
N MET B 330 11.15 -19.95 24.72
CA MET B 330 12.35 -19.17 24.39
C MET B 330 11.99 -17.79 23.89
N ALA B 331 11.23 -17.72 22.80
CA ALA B 331 11.13 -16.48 22.04
C ALA B 331 9.82 -16.42 21.28
N VAL B 332 9.25 -15.21 21.22
CA VAL B 332 8.01 -15.01 20.48
C VAL B 332 8.33 -14.82 19.00
N ALA B 333 7.39 -15.16 18.14
CA ALA B 333 7.44 -14.78 16.75
C ALA B 333 6.14 -14.09 16.39
N THR B 334 6.22 -13.08 15.54
CA THR B 334 5.00 -12.44 15.04
C THR B 334 5.10 -12.25 13.55
N GLY B 335 3.95 -12.30 12.90
CA GLY B 335 3.82 -11.99 11.50
C GLY B 335 2.78 -10.89 11.31
N SER B 336 2.96 -10.08 10.29
CA SER B 336 2.08 -8.95 10.06
C SER B 336 1.83 -8.85 8.57
N TRP B 337 0.94 -7.93 8.19
CA TRP B 337 0.62 -7.81 6.78
C TRP B 337 1.79 -7.26 5.96
N ASP B 338 2.96 -7.09 6.57
CA ASP B 338 4.16 -6.70 5.83
C ASP B 338 4.69 -7.82 4.96
N SER B 339 4.34 -9.07 5.29
CA SER B 339 5.01 -10.29 4.89
C SER B 339 6.28 -10.51 5.69
N PHE B 340 6.49 -9.76 6.77
CA PHE B 340 7.71 -9.85 7.57
C PHE B 340 7.41 -10.51 8.90
N LEU B 341 7.82 -11.78 9.02
CA LEU B 341 7.87 -12.46 10.31
C LEU B 341 9.15 -12.08 11.02
N LYS B 342 9.04 -11.77 12.30
CA LYS B 342 10.22 -11.46 13.10
C LYS B 342 10.10 -12.15 14.44
N ILE B 343 11.26 -12.45 15.04
CA ILE B 343 11.33 -13.35 16.19
C ILE B 343 11.85 -12.56 17.39
N TRP B 344 10.95 -12.06 18.20
CA TRP B 344 11.30 -11.35 19.42
C TRP B 344 11.74 -12.34 20.50
N ASN B 345 12.35 -11.79 21.55
CA ASN B 345 12.87 -12.60 22.65
C ASN B 345 13.16 -11.72 23.86
N ALA C 34 -7.15 -18.66 40.24
CA ALA C 34 -6.75 -17.48 41.00
C ALA C 34 -5.46 -17.74 41.76
N ALA C 35 -5.59 -18.26 42.98
CA ALA C 35 -4.43 -18.57 43.79
C ALA C 35 -3.59 -19.66 43.13
N ASP C 36 -4.25 -20.64 42.51
CA ASP C 36 -3.52 -21.69 41.81
C ASP C 36 -2.69 -21.13 40.67
N LEU C 37 -3.24 -20.14 39.95
CA LEU C 37 -2.47 -19.50 38.88
C LEU C 37 -1.25 -18.78 39.45
N MET C 38 -1.39 -18.12 40.59
CA MET C 38 -0.26 -17.46 41.21
C MET C 38 0.81 -18.46 41.64
N ALA C 39 0.39 -19.60 42.21
CA ALA C 39 1.35 -20.64 42.57
C ALA C 39 2.05 -21.19 41.34
N TYR C 40 1.32 -21.39 40.24
CA TYR C 40 1.93 -21.86 39.01
C TYR C 40 2.94 -20.84 38.48
N CYS C 41 2.62 -19.56 38.58
CA CYS C 41 3.56 -18.52 38.17
C CYS C 41 4.82 -18.54 39.02
N GLU C 42 4.65 -18.69 40.34
CA GLU C 42 5.80 -18.72 41.23
C GLU C 42 6.69 -19.93 40.97
N ALA C 43 6.07 -21.09 40.72
CA ALA C 43 6.85 -22.33 40.61
C ALA C 43 7.56 -22.44 39.28
N HIS C 44 6.97 -21.92 38.20
CA HIS C 44 7.50 -22.13 36.85
C HIS C 44 8.09 -20.88 36.24
N ALA C 45 8.39 -19.86 37.06
CA ALA C 45 9.00 -18.64 36.52
C ALA C 45 10.42 -18.89 36.04
N LYS C 46 11.08 -19.93 36.55
CA LYS C 46 12.48 -20.18 36.23
C LYS C 46 12.70 -20.61 34.79
N GLU C 47 11.68 -21.12 34.11
CA GLU C 47 11.82 -21.59 32.73
C GLU C 47 11.12 -20.67 31.74
N ASP C 48 11.20 -19.36 31.98
CA ASP C 48 10.48 -18.37 31.18
C ASP C 48 11.49 -17.41 30.56
N PRO C 49 12.02 -17.74 29.39
CA PRO C 49 12.99 -16.84 28.73
C PRO C 49 12.39 -15.51 28.31
N LEU C 50 11.12 -15.25 28.66
CA LEU C 50 10.58 -13.91 28.49
C LEU C 50 10.54 -13.15 29.80
N LEU C 51 10.12 -13.78 30.89
CA LEU C 51 10.15 -13.11 32.19
C LEU C 51 11.60 -12.95 32.68
N THR C 52 12.42 -13.98 32.49
CA THR C 52 13.85 -13.90 32.76
C THR C 52 14.62 -14.14 31.47
N PRO C 53 14.95 -13.08 30.73
CA PRO C 53 15.79 -13.26 29.53
C PRO C 53 17.13 -13.85 29.91
N VAL C 54 17.64 -14.73 29.06
CA VAL C 54 18.86 -15.47 29.34
C VAL C 54 19.98 -14.88 28.49
N PRO C 55 21.22 -14.84 28.98
CA PRO C 55 22.35 -14.42 28.15
C PRO C 55 22.63 -15.45 27.07
N ALA C 56 23.58 -15.12 26.19
CA ALA C 56 23.89 -15.99 25.06
C ALA C 56 24.39 -17.36 25.48
N SER C 57 24.56 -17.60 26.79
CA SER C 57 24.95 -18.93 27.26
C SER C 57 23.85 -19.95 26.98
N GLU C 58 22.59 -19.58 27.23
CA GLU C 58 21.45 -20.46 27.02
C GLU C 58 20.40 -19.76 26.17
N ASN C 59 20.84 -19.06 25.12
CA ASN C 59 19.96 -18.28 24.26
C ASN C 59 20.35 -18.55 22.81
N PRO C 60 19.66 -19.47 22.13
CA PRO C 60 19.99 -19.74 20.72
C PRO C 60 19.68 -18.60 19.79
N PHE C 61 18.87 -17.64 20.22
CA PHE C 61 18.49 -16.50 19.39
C PHE C 61 19.44 -15.32 19.54
N ARG C 62 20.36 -15.36 20.49
CA ARG C 62 21.32 -14.29 20.68
C ARG C 62 22.60 -14.56 19.89
N VAL D 15 19.83 55.17 -14.83
CA VAL D 15 19.53 53.78 -15.13
C VAL D 15 20.37 52.85 -14.24
N ASN D 16 21.59 53.29 -13.92
CA ASN D 16 22.46 52.51 -13.06
C ASN D 16 21.97 52.52 -11.61
N GLU D 17 21.55 53.67 -11.11
CA GLU D 17 20.89 53.72 -9.82
C GLU D 17 19.61 52.88 -9.85
N LEU D 18 18.85 53.01 -10.95
CA LEU D 18 17.67 52.16 -11.14
C LEU D 18 18.07 50.69 -11.23
N MET D 19 19.15 50.40 -11.96
CA MET D 19 19.69 49.03 -11.99
C MET D 19 19.84 48.47 -10.59
N LYS D 20 20.66 49.14 -9.76
CA LYS D 20 20.96 48.63 -8.43
C LYS D 20 19.71 48.55 -7.57
N THR D 21 18.87 49.59 -7.61
CA THR D 21 17.67 49.61 -6.77
C THR D 21 16.72 48.47 -7.13
N LEU D 22 16.45 48.28 -8.43
CA LEU D 22 15.57 47.21 -8.86
C LEU D 22 16.14 45.86 -8.50
N GLN D 23 17.43 45.63 -8.77
CA GLN D 23 18.02 44.34 -8.48
C GLN D 23 17.97 44.03 -6.99
N PHE D 24 18.29 45.01 -6.14
CA PHE D 24 18.30 44.76 -4.70
C PHE D 24 16.89 44.54 -4.17
N ALA D 25 15.95 45.41 -4.55
CA ALA D 25 14.58 45.30 -4.08
C ALA D 25 13.86 44.07 -4.62
N VAL D 26 14.37 43.48 -5.71
CA VAL D 26 13.87 42.19 -6.16
C VAL D 26 14.53 41.04 -5.40
N HIS D 27 15.85 41.10 -5.24
CA HIS D 27 16.60 39.97 -4.70
C HIS D 27 16.30 39.74 -3.23
N ILE D 28 16.26 40.82 -2.43
CA ILE D 28 16.16 40.64 -0.97
C ILE D 28 14.89 39.87 -0.61
N PRO D 29 13.68 40.29 -1.04
CA PRO D 29 12.52 39.45 -0.78
C PRO D 29 12.61 38.11 -1.47
N THR D 30 13.13 38.07 -2.70
CA THR D 30 13.32 36.81 -3.39
C THR D 30 14.25 35.90 -2.62
N PHE D 31 15.37 36.44 -2.13
CA PHE D 31 16.32 35.61 -1.39
C PHE D 31 15.70 35.05 -0.12
N VAL D 32 15.09 35.92 0.69
CA VAL D 32 14.52 35.45 1.96
C VAL D 32 13.42 34.44 1.71
N LEU D 33 12.51 34.75 0.78
CA LEU D 33 11.39 33.88 0.50
C LEU D 33 11.85 32.54 -0.06
N GLY D 34 12.80 32.57 -0.98
CA GLY D 34 13.30 31.32 -1.53
C GLY D 34 13.98 30.46 -0.49
N LEU D 35 14.82 31.07 0.35
CA LEU D 35 15.47 30.32 1.43
C LEU D 35 14.43 29.65 2.32
N LEU D 36 13.47 30.43 2.83
CA LEU D 36 12.48 29.90 3.75
C LEU D 36 11.67 28.78 3.09
N LEU D 37 11.12 29.07 1.90
CA LEU D 37 10.19 28.15 1.27
C LEU D 37 10.90 26.87 0.84
N ASN D 38 12.10 26.98 0.27
CA ASN D 38 12.78 25.76 -0.17
C ASN D 38 13.28 24.94 1.01
N LEU D 39 13.70 25.57 2.10
CA LEU D 39 14.03 24.79 3.29
C LEU D 39 12.80 24.08 3.83
N LEU D 40 11.65 24.75 3.84
CA LEU D 40 10.43 24.10 4.31
C LEU D 40 10.03 22.95 3.39
N ALA D 41 10.23 23.12 2.08
CA ALA D 41 9.95 22.05 1.14
C ALA D 41 10.84 20.85 1.38
N ILE D 42 12.13 21.09 1.61
CA ILE D 42 13.04 19.99 1.90
C ILE D 42 12.62 19.28 3.18
N HIS D 43 12.24 20.07 4.20
CA HIS D 43 11.73 19.46 5.44
C HIS D 43 10.54 18.56 5.17
N GLY D 44 9.53 19.09 4.47
CA GLY D 44 8.29 18.34 4.28
C GLY D 44 8.49 17.08 3.46
N PHE D 45 9.23 17.18 2.36
CA PHE D 45 9.44 16.00 1.53
C PHE D 45 10.43 15.02 2.14
N SER D 46 11.35 15.48 2.99
CA SER D 46 12.13 14.54 3.77
C SER D 46 11.24 13.78 4.74
N THR D 47 10.30 14.48 5.38
CA THR D 47 9.36 13.81 6.28
C THR D 47 8.55 12.76 5.54
N PHE D 48 8.10 13.11 4.32
CA PHE D 48 7.37 12.13 3.51
C PHE D 48 8.25 10.95 3.11
N LEU D 49 9.50 11.21 2.76
CA LEU D 49 10.37 10.20 2.15
C LEU D 49 10.96 9.24 3.18
N LYS D 50 11.53 9.76 4.26
CA LYS D 50 12.20 8.92 5.26
C LYS D 50 11.25 7.99 5.99
N ASN D 51 9.95 8.30 6.00
CA ASN D 51 8.99 7.45 6.68
C ASN D 51 8.62 6.21 5.89
N ARG D 52 9.42 5.87 4.88
CA ARG D 52 9.26 4.64 4.09
C ARG D 52 7.94 4.63 3.32
N TRP D 53 7.43 5.81 3.01
CA TRP D 53 6.20 5.90 2.23
C TRP D 53 6.48 5.49 0.79
N PRO D 54 5.79 4.47 0.26
CA PRO D 54 6.13 3.98 -1.08
C PRO D 54 5.45 4.73 -2.20
N ASP D 55 4.27 5.31 -1.95
CA ASP D 55 3.59 6.08 -2.99
C ASP D 55 4.24 7.45 -3.16
N TYR D 56 4.66 8.07 -2.06
CA TYR D 56 5.25 9.39 -2.09
C TYR D 56 6.77 9.37 -1.98
N ALA D 57 7.43 8.35 -2.55
CA ALA D 57 8.88 8.32 -2.53
C ALA D 57 9.46 8.78 -3.86
N ALA D 58 9.11 8.10 -4.94
CA ALA D 58 9.75 8.35 -6.23
C ALA D 58 9.36 9.70 -6.79
N THR D 59 8.44 10.37 -6.12
CA THR D 59 8.10 11.77 -6.40
C THR D 59 8.77 12.73 -5.44
N SER D 60 8.86 12.38 -4.16
CA SER D 60 9.61 13.21 -3.22
C SER D 60 11.08 13.30 -3.58
N ILE D 61 11.62 12.32 -4.32
CA ILE D 61 13.03 12.39 -4.69
C ILE D 61 13.30 13.56 -5.63
N TYR D 62 12.54 13.66 -6.73
CA TYR D 62 12.76 14.82 -7.60
C TYR D 62 12.15 16.10 -7.06
N MET D 63 11.17 16.01 -6.16
CA MET D 63 10.75 17.24 -5.47
C MET D 63 11.86 17.78 -4.58
N ILE D 64 12.59 16.90 -3.88
CA ILE D 64 13.76 17.30 -3.12
C ILE D 64 14.84 17.86 -4.02
N ASN D 65 15.10 17.19 -5.16
CA ASN D 65 16.13 17.69 -6.06
C ASN D 65 15.80 19.09 -6.56
N LEU D 66 14.53 19.32 -6.93
CA LEU D 66 14.10 20.66 -7.32
C LEU D 66 14.28 21.66 -6.19
N ALA D 67 13.85 21.30 -4.98
CA ALA D 67 13.96 22.23 -3.87
C ALA D 67 15.41 22.56 -3.58
N VAL D 68 16.31 21.59 -3.75
CA VAL D 68 17.73 21.82 -3.49
C VAL D 68 18.34 22.72 -4.54
N PHE D 69 18.06 22.47 -5.83
CA PHE D 69 18.54 23.40 -6.84
C PHE D 69 18.05 24.81 -6.57
N ASP D 70 16.78 24.94 -6.18
CA ASP D 70 16.24 26.27 -5.93
C ASP D 70 16.88 26.91 -4.70
N LEU D 71 17.17 26.12 -3.67
CA LEU D 71 17.85 26.65 -2.50
C LEU D 71 19.26 27.11 -2.83
N LEU D 72 19.96 26.35 -3.69
CA LEU D 72 21.28 26.78 -4.13
C LEU D 72 21.19 28.09 -4.92
N LEU D 73 20.19 28.24 -5.78
CA LEU D 73 20.05 29.53 -6.46
C LEU D 73 19.67 30.64 -5.50
N VAL D 74 18.99 30.31 -4.40
CA VAL D 74 18.78 31.28 -3.34
C VAL D 74 20.11 31.70 -2.72
N LEU D 75 21.00 30.73 -2.52
CA LEU D 75 22.29 31.03 -1.88
C LEU D 75 23.09 32.05 -2.67
N SER D 76 23.12 31.93 -3.98
CA SER D 76 23.92 32.83 -4.81
C SER D 76 23.26 34.19 -4.98
N LEU D 77 22.22 34.50 -4.22
CA LEU D 77 21.54 35.79 -4.38
C LEU D 77 22.31 36.90 -3.67
N PRO D 78 22.62 36.78 -2.37
CA PRO D 78 23.39 37.87 -1.72
C PRO D 78 24.74 38.11 -2.34
N PHE D 79 25.36 37.07 -2.89
CA PHE D 79 26.61 37.27 -3.61
C PHE D 79 26.42 38.01 -4.93
N LYS D 80 25.17 38.37 -5.23
CA LYS D 80 24.84 39.37 -6.22
C LYS D 80 24.19 40.61 -5.62
N MET D 81 23.79 40.56 -4.34
CA MET D 81 23.21 41.71 -3.67
C MET D 81 24.21 42.47 -2.81
N VAL D 82 25.42 41.97 -2.65
CA VAL D 82 26.50 42.67 -1.96
C VAL D 82 27.81 42.59 -2.71
N LEU D 83 27.94 41.68 -3.68
CA LEU D 83 29.18 41.47 -4.41
C LEU D 83 29.02 41.76 -5.90
N SER D 84 27.89 42.34 -6.30
CA SER D 84 27.65 42.62 -7.71
C SER D 84 28.66 43.64 -8.24
N GLN D 85 28.60 44.86 -7.71
CA GLN D 85 29.46 45.94 -8.18
C GLN D 85 30.63 46.24 -7.25
N VAL D 86 30.65 45.68 -6.04
CA VAL D 86 31.78 45.89 -5.15
C VAL D 86 33.02 45.21 -5.72
N GLN D 87 34.08 45.98 -5.91
CA GLN D 87 35.34 45.42 -6.39
C GLN D 87 35.89 44.43 -5.38
N SER D 88 36.30 43.26 -5.86
CA SER D 88 36.78 42.21 -4.97
C SER D 88 37.95 41.46 -5.60
N PRO D 89 39.15 41.57 -5.02
CA PRO D 89 40.28 40.80 -5.56
C PRO D 89 40.13 39.31 -5.27
N PHE D 90 39.12 38.69 -5.85
CA PHE D 90 38.83 37.26 -5.65
C PHE D 90 38.23 36.69 -6.93
N PRO D 91 39.06 36.39 -7.93
CA PRO D 91 38.53 35.69 -9.11
C PRO D 91 37.92 34.34 -8.80
N SER D 92 38.49 33.61 -7.83
CA SER D 92 37.97 32.29 -7.50
C SER D 92 36.58 32.39 -6.90
N LEU D 93 36.37 33.33 -5.97
CA LEU D 93 35.04 33.46 -5.36
C LEU D 93 34.00 33.87 -6.38
N CYS D 94 34.35 34.81 -7.27
CA CYS D 94 33.39 35.26 -8.26
C CYS D 94 33.05 34.13 -9.23
N THR D 95 34.06 33.35 -9.63
CA THR D 95 33.80 32.20 -10.49
C THR D 95 32.92 31.18 -9.79
N LEU D 96 33.16 30.94 -8.50
CA LEU D 96 32.32 30.02 -7.76
C LEU D 96 30.88 30.50 -7.72
N VAL D 97 30.68 31.80 -7.48
CA VAL D 97 29.32 32.31 -7.38
C VAL D 97 28.59 32.21 -8.72
N GLU D 98 29.28 32.58 -9.80
CA GLU D 98 28.63 32.52 -11.11
C GLU D 98 28.33 31.09 -11.52
N CYS D 99 29.25 30.16 -11.23
CA CYS D 99 29.00 28.76 -11.56
C CYS D 99 27.84 28.22 -10.72
N LEU D 100 27.77 28.61 -9.46
CA LEU D 100 26.62 28.22 -8.62
C LEU D 100 25.31 28.74 -9.22
N TYR D 101 25.30 29.99 -9.66
CA TYR D 101 24.10 30.58 -10.26
C TYR D 101 23.65 29.80 -11.49
N PHE D 102 24.57 29.61 -12.45
CA PHE D 102 24.22 28.86 -13.65
C PHE D 102 23.74 27.46 -13.31
N VAL D 103 24.47 26.77 -12.42
CA VAL D 103 24.13 25.40 -12.08
C VAL D 103 22.74 25.31 -11.48
N SER D 104 22.44 26.19 -10.53
CA SER D 104 21.16 26.10 -9.85
C SER D 104 20.01 26.46 -10.78
N MET D 105 20.16 27.51 -11.58
CA MET D 105 19.09 27.88 -12.50
C MET D 105 18.82 26.76 -13.50
N TYR D 106 19.85 26.28 -14.18
CA TYR D 106 19.59 25.25 -15.19
C TYR D 106 19.28 23.90 -14.58
N GLY D 107 19.65 23.66 -13.32
CA GLY D 107 19.16 22.47 -12.64
C GLY D 107 17.68 22.53 -12.37
N SER D 108 17.18 23.70 -11.95
CA SER D 108 15.74 23.87 -11.84
C SER D 108 15.07 23.66 -13.20
N VAL D 109 15.69 24.20 -14.27
CA VAL D 109 15.13 24.02 -15.61
C VAL D 109 14.98 22.54 -15.93
N PHE D 110 16.05 21.78 -15.74
CA PHE D 110 16.03 20.39 -16.19
C PHE D 110 15.24 19.50 -15.26
N THR D 111 15.20 19.83 -13.97
CA THR D 111 14.31 19.11 -13.06
C THR D 111 12.86 19.28 -13.48
N ILE D 112 12.48 20.51 -13.84
CA ILE D 112 11.11 20.75 -14.30
C ILE D 112 10.83 19.97 -15.58
N CYS D 113 11.75 20.00 -16.52
CA CYS D 113 11.55 19.25 -17.76
C CYS D 113 11.39 17.76 -17.49
N PHE D 114 12.23 17.21 -16.62
CA PHE D 114 12.13 15.78 -16.30
C PHE D 114 10.83 15.46 -15.58
N ILE D 115 10.41 16.31 -14.65
CA ILE D 115 9.13 16.08 -13.96
C ILE D 115 8.00 16.04 -14.97
N SER D 116 8.02 16.94 -15.95
CA SER D 116 6.93 16.97 -16.92
C SER D 116 6.96 15.73 -17.81
N MET D 117 8.15 15.27 -18.20
CA MET D 117 8.21 13.99 -18.90
C MET D 117 7.72 12.85 -18.04
N ASP D 118 8.00 12.91 -16.74
CA ASP D 118 7.48 11.90 -15.82
C ASP D 118 5.96 11.87 -15.81
N ARG D 119 5.34 13.04 -15.72
CA ARG D 119 3.88 13.11 -15.65
C ARG D 119 3.25 12.66 -16.96
N PHE D 120 3.79 13.08 -18.10
CA PHE D 120 3.21 12.61 -19.35
C PHE D 120 3.44 11.13 -19.56
N LEU D 121 4.57 10.58 -19.11
CA LEU D 121 4.80 9.15 -19.28
C LEU D 121 3.90 8.35 -18.37
N ALA D 122 3.62 8.86 -17.17
CA ALA D 122 2.70 8.17 -16.28
C ALA D 122 1.30 8.19 -16.83
N ILE D 123 0.87 9.30 -17.42
CA ILE D 123 -0.51 9.45 -17.86
C ILE D 123 -0.74 8.82 -19.22
N ARG D 124 0.10 9.10 -20.21
CA ARG D 124 -0.12 8.48 -21.52
C ARG D 124 0.03 6.97 -21.45
N TYR D 125 1.07 6.49 -20.76
CA TYR D 125 1.28 5.06 -20.53
C TYR D 125 1.05 4.82 -19.05
N PRO D 126 -0.12 4.39 -18.64
CA PRO D 126 -0.37 4.24 -17.21
C PRO D 126 0.09 2.89 -16.69
N LEU D 127 0.11 1.89 -17.58
CA LEU D 127 0.53 0.55 -17.20
C LEU D 127 2.03 0.52 -16.90
N LEU D 128 2.83 0.95 -17.87
CA LEU D 128 4.27 0.75 -17.80
C LEU D 128 4.89 1.47 -16.61
N VAL D 129 4.49 2.71 -16.38
CA VAL D 129 5.10 3.51 -15.33
C VAL D 129 4.65 2.97 -13.98
N SER D 130 3.69 2.06 -13.98
CA SER D 130 3.23 1.48 -12.73
C SER D 130 4.11 0.33 -12.28
N HIS D 131 4.92 -0.22 -13.16
CA HIS D 131 5.92 -1.23 -12.82
C HIS D 131 7.32 -0.63 -12.83
N LEU D 132 7.63 0.12 -13.89
CA LEU D 132 8.92 0.79 -14.03
C LEU D 132 8.91 2.10 -13.23
N ARG D 133 8.64 1.97 -11.93
CA ARG D 133 8.48 3.12 -11.07
C ARG D 133 9.40 3.00 -9.86
N SER D 134 10.65 2.64 -10.08
CA SER D 134 11.58 2.47 -8.99
C SER D 134 11.95 3.84 -8.43
N PRO D 135 11.78 4.09 -7.14
CA PRO D 135 12.35 5.31 -6.55
C PRO D 135 13.84 5.40 -6.76
N ARG D 136 14.54 4.26 -6.81
CA ARG D 136 15.94 4.25 -7.18
C ARG D 136 16.14 4.72 -8.62
N LYS D 137 15.17 4.44 -9.50
CA LYS D 137 15.27 4.94 -10.86
C LYS D 137 15.13 6.46 -10.91
N ILE D 138 14.22 7.01 -10.10
CA ILE D 138 14.08 8.46 -10.01
C ILE D 138 15.34 9.07 -9.42
N PHE D 139 15.94 8.42 -8.42
CA PHE D 139 17.20 8.89 -7.86
C PHE D 139 18.32 8.86 -8.90
N GLY D 140 18.35 7.82 -9.73
CA GLY D 140 19.33 7.77 -10.80
C GLY D 140 19.16 8.91 -11.78
N ILE D 141 17.90 9.24 -12.12
CA ILE D 141 17.65 10.37 -13.01
C ILE D 141 18.08 11.68 -12.35
N CYS D 142 17.82 11.85 -11.06
CA CYS D 142 18.24 13.07 -10.38
C CYS D 142 19.77 13.20 -10.33
N CYS D 143 20.45 12.08 -10.05
CA CYS D 143 21.91 12.11 -10.07
C CYS D 143 22.44 12.46 -11.44
N THR D 144 21.83 11.91 -12.49
CA THR D 144 22.22 12.29 -13.84
C THR D 144 21.95 13.77 -14.10
N ILE D 145 20.90 14.32 -13.50
CA ILE D 145 20.61 15.74 -13.63
C ILE D 145 21.78 16.56 -13.08
N TRP D 146 22.19 16.25 -11.83
CA TRP D 146 23.30 17.00 -11.24
C TRP D 146 24.58 16.82 -12.06
N VAL D 147 24.83 15.60 -12.51
CA VAL D 147 26.06 15.32 -13.27
C VAL D 147 26.08 16.15 -14.55
N LEU D 148 24.98 16.15 -15.30
CA LEU D 148 24.95 16.89 -16.55
C LEU D 148 25.04 18.39 -16.31
N VAL D 149 24.36 18.90 -15.27
CA VAL D 149 24.40 20.32 -15.00
C VAL D 149 25.84 20.75 -14.68
N TRP D 150 26.51 20.00 -13.81
CA TRP D 150 27.85 20.40 -13.42
C TRP D 150 28.86 20.16 -14.52
N THR D 151 28.65 19.14 -15.36
CA THR D 151 29.52 18.96 -16.52
C THR D 151 29.39 20.11 -17.49
N GLY D 152 28.16 20.54 -17.78
CA GLY D 152 27.97 21.68 -18.64
C GLY D 152 28.44 22.98 -18.04
N SER D 153 28.55 23.04 -16.71
CA SER D 153 29.04 24.24 -16.04
C SER D 153 30.56 24.33 -16.01
N ILE D 154 31.26 23.64 -16.90
CA ILE D 154 32.72 23.77 -17.01
C ILE D 154 33.09 24.97 -17.88
N PRO D 155 32.43 25.21 -19.02
CA PRO D 155 32.78 26.40 -19.83
C PRO D 155 32.64 27.73 -19.10
N ILE D 156 31.97 27.78 -17.94
CA ILE D 156 31.88 29.03 -17.21
C ILE D 156 33.24 29.39 -16.61
N TYR D 157 34.18 28.45 -16.56
CA TYR D 157 35.52 28.74 -16.08
C TYR D 157 36.24 29.71 -17.01
N SER D 158 36.06 29.58 -18.32
CA SER D 158 36.76 30.42 -19.30
C SER D 158 36.01 31.74 -19.51
N PHE D 159 35.95 32.54 -18.44
CA PHE D 159 35.36 33.87 -18.50
C PHE D 159 36.30 34.93 -17.96
N HIS D 160 37.57 34.58 -17.74
CA HIS D 160 38.50 35.49 -17.05
C HIS D 160 38.66 36.77 -17.84
N GLY D 161 38.89 36.68 -19.14
CA GLY D 161 39.18 37.88 -19.93
C GLY D 161 40.55 38.40 -19.60
N LYS D 162 40.60 39.68 -19.22
CA LYS D 162 41.88 40.30 -18.89
C LYS D 162 41.79 41.22 -17.67
N VAL D 163 40.88 40.94 -16.74
CA VAL D 163 40.66 41.79 -15.58
C VAL D 163 40.94 40.97 -14.32
N GLU D 164 41.45 41.65 -13.30
CA GLU D 164 41.74 41.03 -12.00
C GLU D 164 40.74 41.44 -10.93
N LYS D 165 40.44 42.74 -10.81
CA LYS D 165 39.47 43.24 -9.85
C LYS D 165 38.08 43.10 -10.46
N TYR D 166 37.28 42.19 -9.92
CA TYR D 166 36.03 41.79 -10.55
C TYR D 166 34.82 42.39 -9.86
N MET D 167 33.99 43.08 -10.65
CA MET D 167 32.62 43.37 -10.25
C MET D 167 31.78 42.21 -10.78
N CYS D 168 31.30 41.37 -9.87
CA CYS D 168 30.73 40.09 -10.26
C CYS D 168 29.48 40.29 -11.12
N PHE D 169 29.16 39.25 -11.91
CA PHE D 169 28.04 39.25 -12.83
C PHE D 169 28.20 40.30 -13.93
N HIS D 170 29.44 40.64 -14.27
CA HIS D 170 29.71 41.62 -15.31
C HIS D 170 31.01 41.29 -16.01
N ASN D 171 31.23 41.94 -17.16
CA ASN D 171 32.43 41.78 -17.96
C ASN D 171 32.66 40.31 -18.32
N MET D 172 31.58 39.67 -18.76
CA MET D 172 31.66 38.27 -19.12
C MET D 172 32.28 38.12 -20.51
N SER D 173 33.26 37.21 -20.61
CA SER D 173 34.18 37.20 -21.74
C SER D 173 33.47 36.78 -23.03
N ASP D 174 34.01 37.26 -24.15
CA ASP D 174 33.55 36.87 -25.47
C ASP D 174 33.96 35.45 -25.85
N ASP D 175 34.88 34.83 -25.10
CA ASP D 175 35.18 33.41 -25.36
C ASP D 175 33.98 32.51 -25.11
N THR D 176 33.09 32.92 -24.20
CA THR D 176 31.80 32.29 -23.98
C THR D 176 30.64 33.13 -24.52
N TRP D 177 30.83 33.74 -25.70
CA TRP D 177 29.77 34.40 -26.44
C TRP D 177 29.73 33.99 -27.89
N SER D 178 30.57 33.05 -28.32
CA SER D 178 30.63 32.66 -29.72
C SER D 178 29.47 31.72 -30.06
N ALA D 179 29.48 31.22 -31.29
CA ALA D 179 28.43 30.31 -31.74
C ALA D 179 28.45 29.01 -30.97
N LYS D 180 29.63 28.44 -30.72
CA LYS D 180 29.73 27.12 -30.13
C LYS D 180 29.35 27.11 -28.66
N VAL D 181 29.12 28.28 -28.05
CA VAL D 181 28.79 28.35 -26.64
C VAL D 181 27.39 28.92 -26.47
N PHE D 182 26.90 29.63 -27.49
CA PHE D 182 25.55 30.19 -27.42
C PHE D 182 24.53 29.23 -28.03
N PHE D 183 24.82 28.70 -29.22
CA PHE D 183 23.87 27.80 -29.86
C PHE D 183 23.58 26.55 -29.04
N PRO D 184 24.57 25.84 -28.49
CA PRO D 184 24.26 24.73 -27.58
C PRO D 184 23.81 25.16 -26.19
N LEU D 185 23.56 26.44 -25.96
CA LEU D 185 23.00 26.90 -24.70
C LEU D 185 21.55 27.32 -24.81
N GLU D 186 21.14 27.85 -25.96
CA GLU D 186 19.73 28.16 -26.16
C GLU D 186 18.92 26.90 -26.46
N VAL D 187 19.32 26.15 -27.48
CA VAL D 187 18.55 24.97 -27.88
C VAL D 187 18.52 23.95 -26.76
N PHE D 188 19.68 23.69 -26.15
CA PHE D 188 19.83 22.61 -25.18
C PHE D 188 19.59 23.06 -23.74
N GLY D 189 19.27 24.33 -23.52
CA GLY D 189 19.03 24.80 -22.18
C GLY D 189 17.66 25.39 -22.02
N PHE D 190 17.11 25.92 -23.11
CA PHE D 190 15.75 26.46 -23.11
C PHE D 190 14.86 25.80 -24.14
N LEU D 191 15.30 25.70 -25.40
CA LEU D 191 14.41 25.25 -26.46
C LEU D 191 14.09 23.77 -26.32
N LEU D 192 15.01 22.98 -25.81
CA LEU D 192 14.69 21.58 -25.59
C LEU D 192 13.83 21.44 -24.34
N PRO D 193 14.16 22.08 -23.21
CA PRO D 193 13.21 22.07 -22.09
C PRO D 193 11.86 22.67 -22.45
N MET D 194 11.81 23.73 -23.25
CA MET D 194 10.52 24.25 -23.67
C MET D 194 9.76 23.26 -24.54
N GLY D 195 10.44 22.65 -25.51
CA GLY D 195 9.77 21.68 -26.36
C GLY D 195 9.24 20.49 -25.58
N ILE D 196 10.06 19.94 -24.69
CA ILE D 196 9.65 18.77 -23.92
C ILE D 196 8.55 19.13 -22.93
N MET D 197 8.70 20.23 -22.20
CA MET D 197 7.68 20.64 -21.27
C MET D 197 6.37 20.93 -22.00
N GLY D 198 6.45 21.55 -23.18
CA GLY D 198 5.25 21.84 -23.93
C GLY D 198 4.54 20.59 -24.42
N PHE D 199 5.29 19.68 -25.05
CA PHE D 199 4.67 18.47 -25.57
C PHE D 199 4.11 17.62 -24.44
N CYS D 200 4.89 17.41 -23.38
CA CYS D 200 4.40 16.61 -22.26
C CYS D 200 3.20 17.26 -21.58
N CYS D 201 3.25 18.56 -21.31
CA CYS D 201 2.13 19.18 -20.62
C CYS D 201 0.88 19.20 -21.49
N SER D 202 1.03 19.50 -22.78
CA SER D 202 -0.13 19.52 -23.66
C SER D 202 -0.74 18.13 -23.79
N ARG D 203 0.08 17.10 -23.98
CA ARG D 203 -0.47 15.76 -24.11
C ARG D 203 -1.09 15.29 -22.81
N SER D 204 -0.50 15.62 -21.66
CA SER D 204 -1.10 15.25 -20.39
C SER D 204 -2.44 15.93 -20.19
N ILE D 205 -2.55 17.20 -20.58
CA ILE D 205 -3.84 17.88 -20.49
C ILE D 205 -4.85 17.23 -21.42
N HIS D 206 -4.44 16.91 -22.65
CA HIS D 206 -5.37 16.36 -23.62
C HIS D 206 -5.75 14.92 -23.29
N ILE D 207 -4.94 14.22 -22.50
CA ILE D 207 -5.26 12.85 -22.12
C ILE D 207 -6.07 12.80 -20.84
N LEU D 208 -5.77 13.62 -19.85
CA LEU D 208 -6.68 13.72 -18.72
C LEU D 208 -8.00 14.35 -19.13
N LEU D 209 -8.06 15.05 -20.26
CA LEU D 209 -9.33 15.56 -20.78
C LEU D 209 -10.13 14.48 -21.49
N GLY D 210 -9.47 13.57 -22.19
CA GLY D 210 -10.16 12.56 -22.97
C GLY D 210 -10.91 11.56 -22.10
N ARG D 211 -10.76 11.68 -20.79
CA ARG D 211 -11.45 10.80 -19.85
C ARG D 211 -12.76 11.43 -19.39
N ARG D 212 -13.55 11.82 -20.39
CA ARG D 212 -14.96 12.10 -20.23
C ARG D 212 -15.82 11.04 -20.89
N ASP D 213 -15.24 10.23 -21.77
CA ASP D 213 -15.91 9.09 -22.41
C ASP D 213 -16.21 7.97 -21.42
N HIS D 214 -15.74 8.14 -20.19
CA HIS D 214 -15.90 7.21 -19.08
C HIS D 214 -16.07 7.93 -17.74
N THR D 215 -15.49 7.39 -16.67
CA THR D 215 -15.94 7.75 -15.33
C THR D 215 -15.88 9.20 -14.89
N GLN D 216 -16.27 9.41 -13.63
CA GLN D 216 -16.29 10.69 -12.93
C GLN D 216 -14.93 11.34 -12.82
N ASP D 217 -13.86 10.69 -13.23
CA ASP D 217 -12.58 11.40 -13.24
C ASP D 217 -12.65 12.67 -14.07
N TRP D 218 -13.57 12.76 -15.03
CA TRP D 218 -13.88 14.03 -15.67
C TRP D 218 -14.34 15.10 -14.68
N VAL D 219 -14.63 14.74 -13.43
CA VAL D 219 -14.91 15.74 -12.42
C VAL D 219 -14.13 15.43 -11.16
N GLN D 220 -13.13 14.56 -11.27
CA GLN D 220 -12.32 14.17 -10.12
C GLN D 220 -10.84 14.49 -10.30
N GLN D 221 -10.25 14.10 -11.43
CA GLN D 221 -8.89 14.47 -11.78
C GLN D 221 -8.92 15.72 -12.66
N LYS D 222 -9.45 16.79 -12.09
CA LYS D 222 -9.54 18.08 -12.74
C LYS D 222 -8.53 19.08 -12.18
N ALA D 223 -8.29 19.01 -10.86
CA ALA D 223 -7.24 19.84 -10.27
C ALA D 223 -5.87 19.49 -10.84
N CYS D 224 -5.68 18.26 -11.30
CA CYS D 224 -4.43 17.90 -11.95
C CYS D 224 -4.22 18.70 -13.24
N ILE D 225 -5.28 18.91 -14.02
CA ILE D 225 -5.15 19.70 -15.23
C ILE D 225 -4.81 21.14 -14.90
N TYR D 226 -5.45 21.70 -13.88
CA TYR D 226 -5.16 23.07 -13.47
C TYR D 226 -3.72 23.20 -12.99
N SER D 227 -3.24 22.25 -12.20
CA SER D 227 -1.88 22.31 -11.71
C SER D 227 -0.87 22.11 -12.84
N ILE D 228 -1.16 21.25 -13.81
CA ILE D 228 -0.24 21.05 -14.92
C ILE D 228 -0.18 22.29 -15.82
N ALA D 229 -1.34 22.92 -16.06
CA ALA D 229 -1.36 24.16 -16.83
C ALA D 229 -0.63 25.27 -16.10
N ALA D 230 -0.83 25.39 -14.78
CA ALA D 230 -0.11 26.40 -14.02
C ALA D 230 1.39 26.16 -14.07
N SER D 231 1.82 24.91 -13.97
CA SER D 231 3.24 24.61 -14.06
C SER D 231 3.82 24.99 -15.42
N LEU D 232 3.11 24.65 -16.50
CA LEU D 232 3.59 25.07 -17.82
C LEU D 232 3.69 26.58 -17.92
N ALA D 233 2.68 27.28 -17.42
CA ALA D 233 2.68 28.74 -17.51
C ALA D 233 3.87 29.33 -16.75
N VAL D 234 4.10 28.85 -15.54
CA VAL D 234 5.18 29.41 -14.72
C VAL D 234 6.54 29.14 -15.35
N PHE D 235 6.76 27.91 -15.80
CA PHE D 235 8.04 27.62 -16.45
C PHE D 235 8.25 28.52 -17.66
N VAL D 236 7.24 28.64 -18.53
CA VAL D 236 7.42 29.44 -19.74
C VAL D 236 7.65 30.90 -19.39
N VAL D 237 6.86 31.45 -18.47
CA VAL D 237 6.92 32.88 -18.23
C VAL D 237 8.15 33.26 -17.42
N SER D 238 8.77 32.31 -16.72
CA SER D 238 10.06 32.59 -16.10
C SER D 238 11.24 32.31 -17.02
N PHE D 239 11.05 31.54 -18.08
CA PHE D 239 12.16 31.12 -18.93
C PHE D 239 12.01 31.44 -20.40
N LEU D 240 10.91 32.10 -20.82
CA LEU D 240 10.83 32.57 -22.19
C LEU D 240 11.43 33.96 -22.39
N PRO D 241 11.11 34.96 -21.56
CA PRO D 241 11.65 36.30 -21.85
C PRO D 241 13.14 36.42 -21.60
N VAL D 242 13.64 35.78 -20.56
CA VAL D 242 15.03 35.94 -20.18
C VAL D 242 15.96 35.37 -21.25
N HIS D 243 15.59 34.25 -21.86
CA HIS D 243 16.49 33.68 -22.86
C HIS D 243 16.42 34.44 -24.18
N LEU D 244 15.30 35.08 -24.50
CA LEU D 244 15.29 35.97 -25.65
C LEU D 244 16.09 37.24 -25.38
N GLY D 245 16.10 37.73 -24.14
CA GLY D 245 17.03 38.79 -23.78
C GLY D 245 18.47 38.34 -23.89
N PHE D 246 18.73 37.08 -23.54
CA PHE D 246 20.05 36.48 -23.74
C PHE D 246 20.43 36.49 -25.21
N PHE D 247 19.47 36.16 -26.08
CA PHE D 247 19.70 36.22 -27.52
C PHE D 247 19.97 37.65 -27.98
N LEU D 248 19.24 38.62 -27.43
CA LEU D 248 19.47 40.02 -27.75
C LEU D 248 20.89 40.45 -27.39
N GLN D 249 21.33 40.07 -26.19
CA GLN D 249 22.69 40.41 -25.77
C GLN D 249 23.75 39.68 -26.59
N PHE D 250 23.46 38.45 -27.04
CA PHE D 250 24.37 37.79 -27.95
C PHE D 250 24.50 38.56 -29.26
N LEU D 251 23.37 39.01 -29.81
CA LEU D 251 23.42 39.82 -31.02
C LEU D 251 24.16 41.14 -30.80
N VAL D 252 24.00 41.74 -29.62
CA VAL D 252 24.80 42.91 -29.26
C VAL D 252 26.28 42.54 -29.28
N ARG D 253 26.61 41.35 -28.80
CA ARG D 253 27.98 40.85 -28.78
C ARG D 253 28.47 40.40 -30.14
N ASN D 254 27.60 40.28 -31.15
CA ASN D 254 28.01 39.89 -32.49
C ASN D 254 27.93 41.04 -33.49
N SER D 255 27.99 42.29 -33.02
CA SER D 255 28.00 43.47 -33.89
C SER D 255 26.76 43.54 -34.77
N PHE D 256 25.63 43.05 -34.26
CA PHE D 256 24.36 43.15 -34.98
C PHE D 256 23.54 44.36 -34.55
N ILE D 257 23.66 44.80 -33.30
CA ILE D 257 22.99 45.99 -32.80
C ILE D 257 24.06 46.99 -32.39
N VAL D 258 23.98 48.21 -32.94
CA VAL D 258 25.00 49.23 -32.73
C VAL D 258 24.47 50.40 -31.94
N GLU D 259 23.15 50.54 -31.82
CA GLU D 259 22.57 51.67 -31.11
C GLU D 259 22.99 51.66 -29.65
N CYS D 260 23.39 52.82 -29.14
CA CYS D 260 23.90 52.90 -27.77
C CYS D 260 22.77 52.88 -26.75
N ARG D 261 21.78 53.75 -26.92
CA ARG D 261 20.65 53.78 -25.99
C ARG D 261 19.87 52.47 -26.03
N ALA D 262 19.67 51.93 -27.24
CA ALA D 262 18.97 50.66 -27.36
C ALA D 262 19.75 49.54 -26.69
N LYS D 263 21.07 49.52 -26.86
CA LYS D 263 21.88 48.49 -26.21
C LYS D 263 21.84 48.62 -24.70
N GLN D 264 21.85 49.86 -24.19
CA GLN D 264 21.73 50.05 -22.75
C GLN D 264 20.38 49.57 -22.23
N SER D 265 19.31 49.86 -22.98
CA SER D 265 18.00 49.37 -22.59
C SER D 265 17.93 47.84 -22.64
N ILE D 266 18.58 47.23 -23.64
CA ILE D 266 18.61 45.77 -23.72
C ILE D 266 19.37 45.18 -22.55
N SER D 267 20.49 45.80 -22.16
CA SER D 267 21.24 45.31 -21.01
C SER D 267 20.42 45.41 -19.74
N PHE D 268 19.72 46.53 -19.56
CA PHE D 268 18.82 46.66 -18.42
C PHE D 268 17.74 45.58 -18.48
N PHE D 269 17.22 45.30 -19.67
CA PHE D 269 16.19 44.30 -19.82
C PHE D 269 16.71 42.92 -19.44
N LEU D 270 17.94 42.60 -19.83
CA LEU D 270 18.49 41.28 -19.47
C LEU D 270 18.74 41.17 -17.98
N GLN D 271 19.23 42.27 -17.37
CA GLN D 271 19.50 42.31 -15.91
C GLN D 271 18.18 42.08 -15.16
N LEU D 272 17.11 42.78 -15.57
CA LEU D 272 15.81 42.66 -14.94
C LEU D 272 15.18 41.30 -15.23
N SER D 273 15.35 40.79 -16.44
CA SER D 273 14.79 39.49 -16.80
C SER D 273 15.40 38.39 -15.97
N MET D 274 16.70 38.45 -15.69
CA MET D 274 17.30 37.43 -14.86
C MET D 274 16.90 37.58 -13.39
N CYS D 275 16.79 38.81 -12.90
CA CYS D 275 16.33 38.96 -11.52
C CYS D 275 14.87 38.60 -11.38
N PHE D 276 14.13 38.52 -12.50
CA PHE D 276 12.75 38.04 -12.48
C PHE D 276 12.69 36.53 -12.71
N SER D 277 13.69 35.99 -13.41
CA SER D 277 13.72 34.56 -13.66
C SER D 277 14.16 33.81 -12.42
N ASN D 278 14.98 34.44 -11.57
CA ASN D 278 15.41 33.75 -10.37
C ASN D 278 14.26 33.49 -9.41
N VAL D 279 13.24 34.37 -9.36
CA VAL D 279 12.14 34.19 -8.42
C VAL D 279 11.29 32.98 -8.80
N ASN D 280 11.60 32.32 -9.92
CA ASN D 280 11.04 31.00 -10.17
C ASN D 280 11.37 30.05 -9.04
N CYS D 281 12.51 30.27 -8.38
CA CYS D 281 12.83 29.52 -7.18
C CYS D 281 11.82 29.75 -6.07
N CYS D 282 11.04 30.83 -6.15
CA CYS D 282 9.89 31.03 -5.27
C CYS D 282 8.56 30.74 -5.95
N LEU D 283 8.57 30.57 -7.28
CA LEU D 283 7.36 30.22 -8.03
C LEU D 283 7.25 28.72 -8.23
N ASP D 284 8.38 28.00 -8.23
CA ASP D 284 8.36 26.55 -8.23
C ASP D 284 8.06 25.98 -6.86
N VAL D 285 8.05 26.80 -5.82
CA VAL D 285 7.67 26.34 -4.48
C VAL D 285 6.23 26.65 -4.17
N PHE D 286 5.54 27.42 -5.01
CA PHE D 286 4.11 27.69 -4.85
C PHE D 286 3.26 26.86 -5.80
N VAL D 287 3.64 26.82 -7.09
CA VAL D 287 2.96 25.93 -8.01
C VAL D 287 3.13 24.46 -7.68
N TYR D 288 4.27 24.10 -7.12
CA TYR D 288 4.47 22.82 -6.46
C TYR D 288 4.60 23.03 -4.96
N TYR D 289 4.43 21.94 -4.22
CA TYR D 289 4.61 21.96 -2.76
C TYR D 289 3.47 22.71 -2.07
N PHE D 290 2.47 23.15 -2.83
CA PHE D 290 1.21 23.65 -2.32
C PHE D 290 0.01 23.09 -3.08
N VAL D 291 0.24 22.34 -4.15
CA VAL D 291 -0.80 21.57 -4.81
C VAL D 291 -0.74 20.16 -4.24
N ILE D 292 -0.17 20.04 -3.04
CA ILE D 292 -0.07 18.76 -2.36
C ILE D 292 -0.98 18.79 -1.13
N LYS D 293 -1.04 17.66 -0.42
CA LYS D 293 -1.94 17.56 0.74
C LYS D 293 -1.55 18.53 1.84
N GLU D 294 -0.25 18.67 2.10
CA GLU D 294 0.23 19.50 3.19
C GLU D 294 0.82 20.81 2.68
#